data_8CII
#
_entry.id   8CII
#
_cell.length_a   1.00
_cell.length_b   1.00
_cell.length_c   1.00
_cell.angle_alpha   90.00
_cell.angle_beta   90.00
_cell.angle_gamma   90.00
#
_symmetry.space_group_name_H-M   'P 1'
#
loop_
_entity.id
_entity.type
_entity.pdbx_description
1 polymer "Spike protein S2'"
2 polymer 'SARS1-34 fab Heavy Chain'
3 polymer 'SARS1-34 fab Light Chain'
4 polymer 'BA.2-07 fab Heavy Chain'
5 polymer 'BA.2-07 fab Light Chain'
6 polymer 'C1 nanobody'
7 branched beta-D-mannopyranose-(1-4)-2-acetamido-2-deoxy-beta-D-glucopyranose-(1-4)-[alpha-L-fucopyranose-(1-6)]2-acetamido-2-deoxy-beta-D-glucopyranose
#
loop_
_entity_poly.entity_id
_entity_poly.type
_entity_poly.pdbx_seq_one_letter_code
_entity_poly.pdbx_strand_id
1 'polypeptide(L)'
;HHHHHHTNLCPFGEVFNATRFASVYAWNRKRISNCVADYSVLYNSASFSTFKCYGVSPTKLNDLCFTNVYADSFVIRGDE
VRQIAPGQTGKIADYNYKLPDDFTGCVIAWNSNNLDSKVGGNYNYRYRLFRKSNLKPFERDISTEIYQAGSKPCNGVEGF
NCYFPLQSYGFQPTNGVGYQPYRVVVLSFELLHAPATVCGKK
;
E
2 'polypeptide(L)'
;QVQLVESGPGLVKPSETLSLTCTVSGDSVTSYHWSWIRQPPGKGLEWIGYIYYSGFTTYNPSLKSRVTMSLDTSKNQFSL
RLSSVTAADTAVYYCVRLLSGSLYWNHWFDPWGQGTLVTVSSASTKGPSVFPLAPSSKSTSGGTAALGCLVKDYFPEPVT
VSWNSGALTSGVHTFPAVLQSSGLYSLSSVVTVPSSSLGTQTYICNVNHKPSNTKVDKRVEPKSCDK
;
H
3 'polypeptide(L)'
;AIQLTQSPSTLSASVGDRVTITCRASQSIDNWLAWYQQKPGKAPKLLIYDGSSLQSGVPSRFSGSGSGTEFTLTISSLQP
DDFATYYCQQYNSLFLTFGGGTKVEIKRTVAAPSVFIFPPSDEQLKSGTASVVCLLNNFYPREAKVQWKVDNALQSGNSQ
ESVTEQDSKDSTYSLSSTLTLSKADYEKHKVYACEVTHQGLSSPVTKSFNRGEC
;
L
4 'polypeptide(L)'
;EVQLVQSGAEVKEPGSSVKVSCKASGGSFSTSGISWVRQAPGQGLEWMGVIIPIQGTGNYAQKFQGRVTITADESTTTVY
MELSSLRSDDTALYYCARDQHIYDSSGHGGLWFDPWGQGTLVTVSSASTKGPSVFPLAPSSKSTSGGTAALGCLVKDYFP
EPVTVSWNSGALTSGVHTFPAVLQSSGLYSLSSVVTVPSSSLGTQTYICNVNHKPSNTKVDKRVEPKSCDK
;
A
5 'polypeptide(L)'
;AIRMTQSPSSLSASVGDRVTITCRASQSISSYLNWYQQKPGKAPKVLIYGASSLHSGVPSRFSGSGSGTDFTLTISRLQP
EDFATYYCQQSHSSPRSFGGGTKVEIKRTVAAPSVFIFPPSDEQLKSGTASVVCLLNNFYPREAKVQWKVDNALQSGNSQ
ESVTEQDSKDSTYSLSSTLTLSKADYEKHKVYACEVTHQGLSSPVTKSFNRGEC
;
B
6 'polypeptide(L)'
;QVQLVESGGGLVQPGGSLRLSCAASGFTNDFYSIAWFRQAPGKEREGVSWLSVSDNTPTYVDSVKDRFTISRHNANNTVY
LQMNMLKPEDTAIYYCAAGRFAGRDTWPSSYDYWGQGTQVTVSSKHHHHHH
;
C
#
loop_
_chem_comp.id
_chem_comp.type
_chem_comp.name
_chem_comp.formula
BMA D-saccharide, beta linking beta-D-mannopyranose 'C6 H12 O6'
FUC L-saccharide, alpha linking alpha-L-fucopyranose 'C6 H12 O5'
NAG D-saccharide, beta linking 2-acetamido-2-deoxy-beta-D-glucopyranose 'C8 H15 N O6'
#
# COMPACT_ATOMS: atom_id res chain seq x y z
N THR A 7 -39.01 -25.89 6.69
CA THR A 7 -39.37 -24.63 6.04
C THR A 7 -38.13 -23.78 5.79
N ASN A 8 -37.70 -23.06 6.81
CA ASN A 8 -36.53 -22.21 6.68
C ASN A 8 -35.29 -23.06 6.49
N LEU A 9 -34.41 -22.61 5.59
CA LEU A 9 -33.17 -23.34 5.30
C LEU A 9 -32.05 -22.84 6.19
N CYS A 10 -31.28 -23.77 6.75
CA CYS A 10 -30.23 -23.40 7.68
C CYS A 10 -29.17 -22.56 6.98
N PRO A 11 -28.76 -21.46 7.57
CA PRO A 11 -27.82 -20.54 6.91
C PRO A 11 -26.39 -21.07 6.90
N PHE A 12 -26.22 -22.26 6.32
CA PHE A 12 -24.89 -22.84 6.23
C PHE A 12 -24.02 -22.16 5.18
N GLY A 13 -24.62 -21.50 4.21
CA GLY A 13 -23.81 -20.77 3.24
C GLY A 13 -23.04 -19.63 3.88
N GLU A 14 -23.66 -18.95 4.83
CA GLU A 14 -23.02 -17.82 5.50
C GLU A 14 -21.91 -18.25 6.43
N VAL A 15 -21.78 -19.55 6.72
CA VAL A 15 -20.78 -20.06 7.64
C VAL A 15 -19.59 -20.64 6.89
N PHE A 16 -19.85 -21.57 5.97
CA PHE A 16 -18.76 -22.20 5.23
C PHE A 16 -18.18 -21.27 4.18
N ASN A 17 -18.97 -20.39 3.59
CA ASN A 17 -18.54 -19.57 2.47
C ASN A 17 -18.30 -18.12 2.85
N ALA A 18 -18.19 -17.81 4.13
CA ALA A 18 -17.98 -16.43 4.53
C ALA A 18 -16.63 -15.94 4.06
N THR A 19 -16.54 -14.64 3.78
CA THR A 19 -15.29 -14.06 3.29
C THR A 19 -14.22 -14.10 4.36
N ARG A 20 -14.56 -13.73 5.60
CA ARG A 20 -13.61 -13.61 6.68
C ARG A 20 -13.88 -14.65 7.75
N PHE A 21 -12.83 -15.31 8.21
CA PHE A 21 -12.90 -16.26 9.31
C PHE A 21 -12.13 -15.70 10.49
N ALA A 22 -12.67 -15.88 11.69
CA ALA A 22 -12.02 -15.35 12.88
C ALA A 22 -10.70 -16.06 13.15
N SER A 23 -9.82 -15.38 13.85
CA SER A 23 -8.62 -16.03 14.34
C SER A 23 -9.00 -17.08 15.38
N VAL A 24 -8.12 -18.07 15.56
CA VAL A 24 -8.48 -19.22 16.36
C VAL A 24 -8.67 -18.85 17.83
N TYR A 25 -7.86 -17.93 18.34
CA TYR A 25 -7.98 -17.57 19.75
C TYR A 25 -9.32 -16.87 20.03
N ALA A 26 -9.86 -16.18 19.04
CA ALA A 26 -11.14 -15.50 19.18
C ALA A 26 -12.15 -16.14 18.23
N TRP A 27 -12.22 -17.47 18.24
CA TRP A 27 -13.06 -18.19 17.29
C TRP A 27 -14.51 -17.74 17.39
N ASN A 28 -15.14 -17.63 16.23
CA ASN A 28 -16.49 -17.09 16.12
C ASN A 28 -17.49 -18.23 16.15
N ARG A 29 -18.44 -18.16 17.08
CA ARG A 29 -19.49 -19.15 17.22
C ARG A 29 -20.82 -18.55 16.75
N LYS A 30 -21.52 -19.28 15.89
CA LYS A 30 -22.79 -18.83 15.34
C LYS A 30 -23.85 -19.88 15.64
N ARG A 31 -24.76 -19.57 16.56
CA ARG A 31 -25.81 -20.51 16.91
C ARG A 31 -26.80 -20.65 15.76
N ILE A 32 -27.18 -21.89 15.48
CA ILE A 32 -28.10 -22.21 14.40
C ILE A 32 -29.26 -23.01 14.96
N SER A 33 -30.48 -22.57 14.69
CA SER A 33 -31.65 -23.23 15.24
C SER A 33 -32.85 -22.89 14.38
N ASN A 34 -33.93 -23.66 14.59
CA ASN A 34 -35.22 -23.42 13.94
C ASN A 34 -35.07 -23.43 12.42
N CYS A 35 -34.43 -24.48 11.91
CA CYS A 35 -34.18 -24.59 10.47
C CYS A 35 -33.92 -26.05 10.14
N VAL A 36 -33.98 -26.35 8.85
CA VAL A 36 -33.72 -27.68 8.33
C VAL A 36 -32.56 -27.61 7.35
N ALA A 37 -31.59 -28.51 7.51
CA ALA A 37 -30.43 -28.58 6.64
C ALA A 37 -30.16 -30.03 6.25
N ASP A 38 -29.49 -30.21 5.13
CA ASP A 38 -29.12 -31.53 4.64
C ASP A 38 -27.63 -31.72 4.85
N TYR A 39 -27.28 -32.54 5.83
CA TYR A 39 -25.88 -32.79 6.13
C TYR A 39 -25.24 -33.83 5.23
N SER A 40 -26.05 -34.65 4.56
CA SER A 40 -25.49 -35.68 3.69
C SER A 40 -24.73 -35.08 2.52
N VAL A 41 -25.29 -34.03 1.91
CA VAL A 41 -24.59 -33.38 0.81
C VAL A 41 -23.35 -32.67 1.30
N LEU A 42 -23.35 -32.20 2.56
CA LEU A 42 -22.14 -31.63 3.12
C LEU A 42 -21.01 -32.65 3.16
N TYR A 43 -21.31 -33.87 3.63
CA TYR A 43 -20.26 -34.87 3.75
C TYR A 43 -19.71 -35.27 2.39
N ASN A 44 -20.59 -35.42 1.39
CA ASN A 44 -20.17 -35.85 0.08
C ASN A 44 -19.60 -34.74 -0.77
N SER A 45 -19.44 -33.55 -0.21
CA SER A 45 -18.82 -32.48 -0.95
C SER A 45 -17.34 -32.78 -1.16
N ALA A 46 -16.76 -32.15 -2.17
CA ALA A 46 -15.38 -32.41 -2.53
C ALA A 46 -14.43 -31.32 -2.07
N SER A 47 -14.94 -30.19 -1.59
CA SER A 47 -14.09 -29.12 -1.10
C SER A 47 -13.55 -29.38 0.30
N PHE A 48 -14.16 -30.30 1.03
CA PHE A 48 -13.79 -30.56 2.42
C PHE A 48 -12.74 -31.66 2.45
N SER A 49 -11.48 -31.27 2.66
CA SER A 49 -10.41 -32.26 2.75
C SER A 49 -10.57 -33.10 4.01
N THR A 50 -10.95 -32.48 5.12
CA THR A 50 -11.10 -33.14 6.40
C THR A 50 -12.56 -33.08 6.83
N PHE A 51 -13.12 -34.23 7.17
CA PHE A 51 -14.51 -34.27 7.63
C PHE A 51 -14.63 -35.44 8.61
N LYS A 52 -14.45 -35.16 9.89
CA LYS A 52 -14.54 -36.16 10.94
C LYS A 52 -15.81 -35.89 11.72
N CYS A 53 -16.59 -36.94 11.98
CA CYS A 53 -17.75 -36.83 12.86
C CYS A 53 -17.56 -37.77 14.03
N TYR A 54 -17.72 -37.25 15.24
CA TYR A 54 -17.59 -38.01 16.47
C TYR A 54 -18.95 -38.16 17.12
N GLY A 55 -19.26 -39.35 17.59
CA GLY A 55 -20.51 -39.62 18.28
C GLY A 55 -21.68 -39.92 17.37
N VAL A 56 -21.80 -39.20 16.27
CA VAL A 56 -22.89 -39.38 15.32
C VAL A 56 -22.30 -39.52 13.92
N SER A 57 -22.78 -40.51 13.17
CA SER A 57 -22.32 -40.69 11.82
C SER A 57 -22.80 -39.56 10.91
N PRO A 58 -22.02 -39.18 9.90
CA PRO A 58 -22.43 -38.06 9.05
C PRO A 58 -23.77 -38.24 8.38
N THR A 59 -24.07 -39.45 7.91
CA THR A 59 -25.28 -39.66 7.13
C THR A 59 -26.55 -39.72 7.97
N LYS A 60 -26.42 -39.91 9.28
CA LYS A 60 -27.59 -39.96 10.16
C LYS A 60 -27.93 -38.60 10.74
N LEU A 61 -27.16 -37.57 10.42
CA LEU A 61 -27.40 -36.25 11.01
C LEU A 61 -28.76 -35.70 10.60
N ASN A 62 -29.13 -35.84 9.33
CA ASN A 62 -30.38 -35.28 8.85
C ASN A 62 -31.60 -36.00 9.42
N ASP A 63 -31.41 -37.16 10.06
CA ASP A 63 -32.51 -37.90 10.65
C ASP A 63 -32.78 -37.46 12.08
N LEU A 64 -31.74 -37.46 12.91
CA LEU A 64 -31.89 -37.07 14.31
C LEU A 64 -32.21 -35.58 14.43
N CYS A 65 -32.98 -35.24 15.45
CA CYS A 65 -33.38 -33.88 15.73
C CYS A 65 -32.61 -33.36 16.94
N PHE A 66 -32.11 -32.14 16.85
CA PHE A 66 -31.28 -31.56 17.89
C PHE A 66 -31.84 -30.21 18.32
N THR A 67 -31.64 -29.88 19.60
CA THR A 67 -32.13 -28.62 20.12
C THR A 67 -31.41 -27.44 19.48
N ASN A 68 -30.08 -27.48 19.48
CA ASN A 68 -29.29 -26.39 18.93
C ASN A 68 -28.08 -26.95 18.21
N VAL A 69 -27.59 -26.18 17.24
CA VAL A 69 -26.37 -26.50 16.50
C VAL A 69 -25.48 -25.26 16.50
N TYR A 70 -24.25 -25.43 16.96
CA TYR A 70 -23.28 -24.34 16.97
C TYR A 70 -22.21 -24.62 15.92
N ALA A 71 -21.83 -23.57 15.19
CA ALA A 71 -20.81 -23.67 14.17
C ALA A 71 -19.68 -22.72 14.52
N ASP A 72 -18.60 -23.25 15.08
CA ASP A 72 -17.42 -22.48 15.42
C ASP A 72 -16.47 -22.48 14.23
N SER A 73 -16.06 -21.31 13.79
CA SER A 73 -15.22 -21.19 12.62
C SER A 73 -13.97 -20.39 12.94
N PHE A 74 -12.82 -20.85 12.43
CA PHE A 74 -11.56 -20.18 12.66
C PHE A 74 -10.55 -20.69 11.64
N VAL A 75 -9.35 -20.12 11.69
CA VAL A 75 -8.26 -20.46 10.79
C VAL A 75 -7.07 -20.92 11.61
N ILE A 76 -6.50 -22.06 11.26
CA ILE A 76 -5.30 -22.59 11.89
C ILE A 76 -4.35 -23.05 10.79
N ARG A 77 -3.15 -23.46 11.21
CA ARG A 77 -2.18 -24.02 10.29
C ARG A 77 -2.63 -25.41 9.84
N GLY A 78 -1.99 -25.91 8.80
CA GLY A 78 -2.31 -27.24 8.33
C GLY A 78 -1.94 -28.31 9.33
N ASP A 79 -0.76 -28.19 9.94
CA ASP A 79 -0.29 -29.19 10.87
C ASP A 79 -1.11 -29.25 12.15
N GLU A 80 -1.86 -28.20 12.47
CA GLU A 80 -2.60 -28.13 13.71
C GLU A 80 -4.03 -28.63 13.57
N VAL A 81 -4.42 -29.10 12.39
CA VAL A 81 -5.77 -29.59 12.20
C VAL A 81 -6.01 -30.86 13.01
N ARG A 82 -5.00 -31.71 13.16
CA ARG A 82 -5.17 -32.90 13.97
C ARG A 82 -5.54 -32.58 15.41
N GLN A 83 -5.22 -31.39 15.89
CA GLN A 83 -5.50 -31.03 17.27
C GLN A 83 -6.96 -30.73 17.53
N ILE A 84 -7.75 -30.48 16.48
CA ILE A 84 -9.16 -30.18 16.67
C ILE A 84 -9.90 -31.50 16.74
N ALA A 85 -9.89 -32.12 17.91
CA ALA A 85 -10.47 -33.44 18.13
C ALA A 85 -10.45 -33.74 19.61
N PRO A 86 -11.34 -34.58 20.12
CA PRO A 86 -11.33 -34.89 21.54
C PRO A 86 -10.03 -35.55 21.98
N GLY A 87 -9.58 -35.20 23.17
CA GLY A 87 -8.39 -35.80 23.74
C GLY A 87 -7.12 -35.50 22.99
N GLN A 88 -6.91 -34.24 22.63
CA GLN A 88 -5.71 -33.81 21.94
C GLN A 88 -4.95 -32.79 22.77
N THR A 89 -3.67 -32.64 22.46
CA THR A 89 -2.82 -31.71 23.18
C THR A 89 -1.95 -30.93 22.20
N GLY A 90 -1.56 -29.74 22.62
CA GLY A 90 -0.79 -28.85 21.79
C GLY A 90 -1.17 -27.42 22.11
N LYS A 91 -0.63 -26.49 21.33
CA LYS A 91 -0.98 -25.09 21.53
C LYS A 91 -2.46 -24.86 21.29
N ILE A 92 -2.98 -25.38 20.17
CA ILE A 92 -4.35 -25.08 19.79
C ILE A 92 -5.33 -25.77 20.73
N ALA A 93 -5.10 -27.03 21.06
CA ALA A 93 -6.07 -27.76 21.87
C ALA A 93 -6.02 -27.37 23.33
N ASP A 94 -5.03 -26.59 23.76
CA ASP A 94 -4.91 -26.20 25.15
C ASP A 94 -5.21 -24.74 25.39
N TYR A 95 -4.66 -23.85 24.57
CA TYR A 95 -4.73 -22.43 24.84
C TYR A 95 -5.65 -21.67 23.92
N ASN A 96 -6.17 -22.29 22.86
CA ASN A 96 -7.01 -21.58 21.90
C ASN A 96 -8.39 -22.18 21.76
N TYR A 97 -8.50 -23.47 21.48
CA TYR A 97 -9.80 -24.08 21.24
C TYR A 97 -9.75 -25.53 21.71
N LYS A 98 -10.62 -25.87 22.66
CA LYS A 98 -10.62 -27.18 23.29
C LYS A 98 -11.95 -27.86 23.06
N LEU A 99 -11.91 -29.10 22.59
CA LEU A 99 -13.14 -29.85 22.42
C LEU A 99 -13.36 -30.79 23.60
N PRO A 100 -14.59 -30.97 24.04
CA PRO A 100 -14.85 -31.87 25.17
C PRO A 100 -14.56 -33.31 24.79
N ASP A 101 -14.23 -34.12 25.81
CA ASP A 101 -13.94 -35.52 25.57
C ASP A 101 -15.16 -36.26 25.06
N ASP A 102 -16.35 -35.93 25.57
CA ASP A 102 -17.58 -36.55 25.10
C ASP A 102 -18.20 -35.76 23.95
N PHE A 103 -17.40 -35.49 22.92
CA PHE A 103 -17.85 -34.62 21.85
C PHE A 103 -18.88 -35.33 20.97
N THR A 104 -19.88 -34.59 20.55
CA THR A 104 -20.93 -35.10 19.66
C THR A 104 -21.10 -34.10 18.53
N GLY A 105 -20.40 -34.32 17.42
CA GLY A 105 -20.47 -33.40 16.31
C GLY A 105 -19.45 -33.76 15.25
N CYS A 106 -19.25 -32.84 14.32
CA CYS A 106 -18.36 -33.06 13.20
C CYS A 106 -17.34 -31.94 13.11
N VAL A 107 -16.15 -32.27 12.60
CA VAL A 107 -15.07 -31.33 12.39
C VAL A 107 -14.79 -31.25 10.90
N ILE A 108 -14.94 -30.07 10.33
CA ILE A 108 -14.77 -29.87 8.90
C ILE A 108 -13.66 -28.87 8.68
N ALA A 109 -12.73 -29.20 7.79
CA ALA A 109 -11.63 -28.32 7.49
C ALA A 109 -11.31 -28.41 6.00
N TRP A 110 -10.81 -27.30 5.46
CA TRP A 110 -10.40 -27.29 4.07
C TRP A 110 -9.31 -26.24 3.89
N ASN A 111 -8.46 -26.46 2.91
CA ASN A 111 -7.37 -25.54 2.64
C ASN A 111 -7.91 -24.23 2.12
N SER A 112 -7.36 -23.13 2.61
CA SER A 112 -7.76 -21.80 2.17
C SER A 112 -6.52 -20.96 1.92
N ASN A 113 -5.55 -21.55 1.23
CA ASN A 113 -4.29 -20.84 0.97
C ASN A 113 -4.53 -19.64 0.08
N ASN A 114 -5.43 -19.76 -0.88
CA ASN A 114 -5.65 -18.66 -1.82
C ASN A 114 -6.31 -17.45 -1.15
N LEU A 115 -7.15 -17.68 -0.16
CA LEU A 115 -7.87 -16.59 0.49
C LEU A 115 -7.10 -15.95 1.64
N ASP A 116 -6.42 -16.76 2.45
CA ASP A 116 -5.89 -16.31 3.73
C ASP A 116 -4.38 -16.10 3.72
N SER A 117 -3.73 -16.11 2.56
CA SER A 117 -2.30 -15.83 2.49
C SER A 117 -2.06 -14.44 1.90
N LYS A 118 -0.88 -13.90 2.18
CA LYS A 118 -0.42 -12.68 1.56
C LYS A 118 0.99 -12.91 1.02
N VAL A 119 1.35 -12.15 0.00
CA VAL A 119 2.66 -12.30 -0.61
C VAL A 119 3.76 -11.99 0.41
N GLY A 120 3.59 -10.92 1.17
CA GLY A 120 4.56 -10.58 2.19
C GLY A 120 4.30 -11.20 3.54
N GLY A 121 3.30 -12.06 3.66
CA GLY A 121 2.94 -12.64 4.94
C GLY A 121 1.68 -12.03 5.49
N ASN A 122 0.70 -12.87 5.83
CA ASN A 122 -0.58 -12.41 6.33
C ASN A 122 -0.56 -12.52 7.86
N TYR A 123 -0.63 -11.37 8.53
CA TYR A 123 -0.49 -11.32 9.98
C TYR A 123 -1.82 -11.00 10.68
N ASN A 124 -2.94 -11.23 10.02
CA ASN A 124 -4.24 -10.96 10.62
C ASN A 124 -4.77 -12.16 11.39
N TYR A 125 -4.07 -13.29 11.37
CA TYR A 125 -4.50 -14.49 12.08
C TYR A 125 -3.51 -14.77 13.20
N ARG A 126 -4.04 -14.87 14.42
CA ARG A 126 -3.21 -15.00 15.61
C ARG A 126 -3.71 -16.18 16.43
N TYR A 127 -2.82 -16.70 17.27
CA TYR A 127 -3.15 -17.80 18.15
C TYR A 127 -2.48 -17.55 19.50
N ARG A 128 -3.19 -17.87 20.57
CA ARG A 128 -2.64 -17.71 21.90
C ARG A 128 -1.48 -18.67 22.10
N LEU A 129 -0.39 -18.19 22.68
CA LEU A 129 0.81 -18.99 22.81
C LEU A 129 1.09 -19.46 24.22
N PHE A 130 0.67 -18.72 25.23
CA PHE A 130 0.82 -19.10 26.62
C PHE A 130 -0.49 -18.87 27.36
N ARG A 131 -0.68 -19.61 28.44
CA ARG A 131 -1.83 -19.39 29.29
C ARG A 131 -1.53 -19.96 30.66
N LYS A 132 -2.13 -19.35 31.69
CA LYS A 132 -1.89 -19.82 33.05
C LYS A 132 -2.49 -21.20 33.30
N SER A 133 -3.47 -21.61 32.50
CA SER A 133 -4.08 -22.91 32.66
C SER A 133 -4.73 -23.32 31.35
N ASN A 134 -4.95 -24.62 31.20
CA ASN A 134 -5.58 -25.15 30.00
C ASN A 134 -7.02 -24.68 29.89
N LEU A 135 -7.48 -24.50 28.67
CA LEU A 135 -8.86 -24.10 28.44
C LEU A 135 -9.81 -25.22 28.84
N LYS A 136 -10.87 -24.86 29.54
CA LYS A 136 -12.01 -25.76 29.66
C LYS A 136 -12.69 -25.88 28.30
N PRO A 137 -13.41 -26.97 28.06
CA PRO A 137 -14.03 -27.15 26.73
C PRO A 137 -14.94 -25.99 26.38
N PHE A 138 -14.86 -25.58 25.11
CA PHE A 138 -15.72 -24.54 24.56
C PHE A 138 -15.59 -23.22 25.33
N GLU A 139 -14.36 -22.84 25.64
CA GLU A 139 -14.09 -21.58 26.33
C GLU A 139 -13.23 -20.69 25.44
N ARG A 140 -13.62 -19.42 25.34
CA ARG A 140 -12.90 -18.45 24.53
C ARG A 140 -12.16 -17.49 25.46
N ASP A 141 -10.89 -17.24 25.16
CA ASP A 141 -10.09 -16.29 25.92
C ASP A 141 -9.54 -15.26 24.96
N ILE A 142 -10.02 -14.02 25.06
CA ILE A 142 -9.60 -12.96 24.17
C ILE A 142 -8.78 -11.90 24.89
N SER A 143 -8.38 -12.15 26.13
CA SER A 143 -7.58 -11.21 26.88
C SER A 143 -6.18 -11.12 26.29
N THR A 144 -5.61 -9.93 26.35
CA THR A 144 -4.27 -9.66 25.83
C THR A 144 -3.33 -9.23 26.94
N GLU A 145 -3.62 -9.61 28.17
CA GLU A 145 -2.75 -9.28 29.29
C GLU A 145 -1.41 -10.00 29.15
N ILE A 146 -0.34 -9.33 29.56
CA ILE A 146 1.00 -9.90 29.44
C ILE A 146 1.12 -11.13 30.33
N TYR A 147 1.65 -12.20 29.77
CA TYR A 147 1.76 -13.46 30.49
C TYR A 147 3.02 -13.48 31.35
N GLN A 148 2.82 -13.72 32.65
CA GLN A 148 3.91 -13.74 33.61
C GLN A 148 4.38 -15.18 33.80
N ALA A 149 5.55 -15.50 33.25
CA ALA A 149 6.10 -16.83 33.34
C ALA A 149 7.07 -17.02 34.49
N GLY A 150 7.35 -15.97 35.25
CA GLY A 150 8.29 -16.04 36.35
C GLY A 150 7.65 -15.60 37.65
N SER A 151 8.47 -15.03 38.53
CA SER A 151 8.02 -14.58 39.83
C SER A 151 7.79 -13.08 39.92
N LYS A 152 8.62 -12.28 39.26
CA LYS A 152 8.44 -10.85 39.30
C LYS A 152 7.15 -10.47 38.58
N PRO A 153 6.42 -9.47 39.06
CA PRO A 153 5.20 -9.04 38.36
C PRO A 153 5.54 -8.29 37.09
N CYS A 154 4.85 -8.63 36.01
CA CYS A 154 4.99 -7.92 34.74
C CYS A 154 4.04 -6.73 34.79
N ASN A 155 4.61 -5.52 34.81
CA ASN A 155 3.78 -4.33 34.91
C ASN A 155 3.24 -3.93 33.54
N GLY A 156 2.58 -4.87 32.87
CA GLY A 156 2.04 -4.61 31.55
C GLY A 156 3.08 -4.38 30.49
N VAL A 157 4.35 -4.71 30.76
CA VAL A 157 5.45 -4.44 29.84
C VAL A 157 6.16 -5.75 29.54
N GLU A 158 6.38 -6.01 28.26
CA GLU A 158 7.15 -7.18 27.87
C GLU A 158 8.56 -7.09 28.41
N GLY A 159 9.11 -8.24 28.79
CA GLY A 159 10.45 -8.26 29.33
C GLY A 159 10.90 -9.66 29.65
N PHE A 160 11.89 -9.76 30.52
CA PHE A 160 12.36 -11.06 30.99
C PHE A 160 11.22 -11.80 31.67
N ASN A 161 10.96 -13.02 31.22
CA ASN A 161 9.87 -13.86 31.72
C ASN A 161 8.52 -13.18 31.63
N CYS A 162 8.37 -12.20 30.73
CA CYS A 162 7.10 -11.55 30.47
C CYS A 162 6.89 -11.55 28.97
N TYR A 163 5.97 -12.38 28.48
CA TYR A 163 5.76 -12.56 27.06
C TYR A 163 4.35 -12.12 26.68
N PHE A 164 4.21 -11.62 25.47
CA PHE A 164 2.88 -11.29 24.96
C PHE A 164 2.20 -12.56 24.46
N PRO A 165 1.04 -12.93 25.01
CA PRO A 165 0.50 -14.27 24.72
C PRO A 165 0.13 -14.50 23.26
N LEU A 166 -0.30 -13.48 22.54
CA LEU A 166 -0.78 -13.68 21.17
C LEU A 166 0.37 -13.66 20.19
N GLN A 167 0.44 -14.67 19.34
CA GLN A 167 1.41 -14.75 18.27
C GLN A 167 0.66 -14.90 16.96
N SER A 168 1.17 -14.25 15.91
CA SER A 168 0.49 -14.21 14.63
C SER A 168 1.09 -15.24 13.68
N TYR A 169 0.23 -16.01 13.02
CA TYR A 169 0.71 -16.89 11.97
C TYR A 169 1.35 -16.09 10.85
N GLY A 170 2.46 -16.58 10.34
CA GLY A 170 2.99 -16.01 9.11
C GLY A 170 2.52 -16.83 7.94
N PHE A 171 1.47 -16.37 7.26
CA PHE A 171 0.88 -17.12 6.16
C PHE A 171 1.39 -16.55 4.85
N GLN A 172 2.04 -17.40 4.05
CA GLN A 172 2.51 -17.01 2.73
C GLN A 172 2.14 -18.09 1.73
N PRO A 173 1.88 -17.72 0.48
CA PRO A 173 1.46 -18.72 -0.51
C PRO A 173 2.56 -19.72 -0.85
N THR A 174 3.81 -19.43 -0.52
CA THR A 174 4.91 -20.31 -0.82
C THR A 174 5.19 -21.31 0.30
N ASN A 175 4.47 -21.24 1.41
CA ASN A 175 4.73 -22.15 2.51
C ASN A 175 4.36 -23.58 2.11
N GLY A 176 4.93 -24.53 2.83
CA GLY A 176 4.57 -25.91 2.63
C GLY A 176 3.14 -26.18 3.07
N VAL A 177 2.65 -27.37 2.72
CA VAL A 177 1.26 -27.70 3.02
C VAL A 177 0.99 -27.65 4.51
N GLY A 178 1.94 -28.09 5.32
CA GLY A 178 1.74 -28.08 6.75
C GLY A 178 1.69 -26.71 7.37
N TYR A 179 2.07 -25.67 6.62
CA TYR A 179 2.03 -24.30 7.13
C TYR A 179 1.05 -23.44 6.35
N GLN A 180 0.11 -24.05 5.66
CA GLN A 180 -0.85 -23.23 4.97
C GLN A 180 -2.12 -23.09 5.81
N PRO A 181 -2.81 -21.95 5.71
CA PRO A 181 -4.01 -21.76 6.51
C PRO A 181 -5.08 -22.78 6.16
N TYR A 182 -5.81 -23.22 7.18
CA TYR A 182 -6.94 -24.11 7.00
C TYR A 182 -8.14 -23.52 7.71
N ARG A 183 -9.23 -23.34 6.99
CA ARG A 183 -10.46 -22.88 7.60
C ARG A 183 -11.17 -24.07 8.21
N VAL A 184 -11.53 -23.97 9.47
CA VAL A 184 -12.12 -25.07 10.22
C VAL A 184 -13.49 -24.66 10.71
N VAL A 185 -14.48 -25.52 10.48
CA VAL A 185 -15.83 -25.32 10.99
C VAL A 185 -16.17 -26.54 11.84
N VAL A 186 -16.57 -26.30 13.08
CA VAL A 186 -16.85 -27.40 13.99
C VAL A 186 -18.32 -27.39 14.39
N LEU A 187 -19.10 -28.24 13.75
CA LEU A 187 -20.50 -28.37 14.14
C LEU A 187 -20.61 -29.15 15.43
N SER A 188 -21.35 -28.61 16.39
CA SER A 188 -21.52 -29.23 17.70
C SER A 188 -23.01 -29.36 17.97
N PHE A 189 -23.50 -30.60 18.02
CA PHE A 189 -24.91 -30.85 18.21
C PHE A 189 -25.21 -31.03 19.70
N GLU A 190 -26.16 -30.24 20.20
CA GLU A 190 -26.54 -30.25 21.60
C GLU A 190 -27.99 -30.68 21.73
N LEU A 191 -28.24 -31.67 22.59
CA LEU A 191 -29.59 -32.15 22.82
C LEU A 191 -29.87 -32.29 24.32
N GLN B 1 -7.27 6.77 1.69
CA GLN B 1 -7.86 6.67 0.36
C GLN B 1 -6.87 6.07 -0.62
N VAL B 2 -7.30 5.00 -1.29
CA VAL B 2 -6.47 4.35 -2.30
C VAL B 2 -6.66 5.06 -3.63
N GLN B 3 -5.55 5.33 -4.33
CA GLN B 3 -5.57 5.94 -5.64
C GLN B 3 -4.83 5.06 -6.63
N LEU B 4 -5.39 4.92 -7.83
CA LEU B 4 -4.87 4.01 -8.83
C LEU B 4 -4.55 4.77 -10.11
N VAL B 5 -3.39 4.49 -10.68
CA VAL B 5 -2.96 5.09 -11.95
C VAL B 5 -2.49 3.98 -12.87
N GLU B 6 -3.05 3.93 -14.07
CA GLU B 6 -2.61 2.98 -15.07
C GLU B 6 -1.35 3.48 -15.74
N SER B 7 -0.67 2.56 -16.43
CA SER B 7 0.50 2.90 -17.21
C SER B 7 0.79 1.77 -18.19
N GLY B 8 1.26 2.13 -19.37
CA GLY B 8 1.58 1.16 -20.37
C GLY B 8 1.50 1.71 -21.78
N PRO B 9 2.00 0.97 -22.75
CA PRO B 9 1.98 1.45 -24.14
C PRO B 9 0.56 1.67 -24.62
N GLY B 10 0.38 2.75 -25.39
CA GLY B 10 -0.93 3.07 -25.92
C GLY B 10 -1.14 2.55 -27.32
N LEU B 11 -0.05 2.14 -27.96
CA LEU B 11 -0.09 1.58 -29.32
C LEU B 11 0.58 0.22 -29.29
N VAL B 12 -0.13 -0.80 -29.74
CA VAL B 12 0.35 -2.17 -29.70
C VAL B 12 0.07 -2.83 -31.06
N LYS B 13 1.10 -3.39 -31.66
CA LYS B 13 0.92 -4.08 -32.93
C LYS B 13 0.15 -5.38 -32.70
N PRO B 14 -0.55 -5.87 -33.72
CA PRO B 14 -1.32 -7.11 -33.55
C PRO B 14 -0.41 -8.29 -33.28
N SER B 15 -0.97 -9.30 -32.62
CA SER B 15 -0.25 -10.52 -32.27
C SER B 15 1.00 -10.21 -31.44
N GLU B 16 0.82 -9.30 -30.48
CA GLU B 16 1.88 -8.96 -29.55
C GLU B 16 1.39 -9.08 -28.12
N THR B 17 2.18 -8.62 -27.16
CA THR B 17 1.80 -8.68 -25.76
C THR B 17 1.39 -7.30 -25.28
N LEU B 18 0.19 -7.22 -24.72
CA LEU B 18 -0.34 -6.00 -24.13
C LEU B 18 0.07 -5.99 -22.67
N SER B 19 1.04 -5.16 -22.32
CA SER B 19 1.56 -5.09 -20.96
C SER B 19 1.06 -3.80 -20.32
N LEU B 20 0.32 -3.94 -19.23
CA LEU B 20 -0.19 -2.82 -18.47
C LEU B 20 0.21 -2.96 -17.02
N THR B 21 0.40 -1.84 -16.34
CA THR B 21 0.78 -1.82 -14.94
C THR B 21 0.00 -0.75 -14.21
N CYS B 22 -0.59 -1.11 -13.07
CA CYS B 22 -1.38 -0.20 -12.27
C CYS B 22 -0.64 0.11 -10.98
N THR B 23 -0.26 1.36 -10.79
CA THR B 23 0.49 1.78 -9.62
C THR B 23 -0.47 2.24 -8.54
N VAL B 24 -0.33 1.65 -7.35
CA VAL B 24 -1.23 1.91 -6.24
C VAL B 24 -0.57 2.91 -5.30
N SER B 25 -1.28 3.99 -5.00
CA SER B 25 -0.79 5.01 -4.10
C SER B 25 -1.79 5.19 -2.96
N GLY B 26 -1.27 5.36 -1.75
CA GLY B 26 -2.08 5.54 -0.57
C GLY B 26 -2.18 4.31 0.30
N ASP B 27 -1.79 3.14 -0.20
CA ASP B 27 -1.84 1.93 0.59
C ASP B 27 -0.98 0.87 -0.08
N SER B 28 -0.74 -0.22 0.64
CA SER B 28 0.05 -1.31 0.09
C SER B 28 -0.77 -2.12 -0.91
N VAL B 29 -0.07 -2.65 -1.92
CA VAL B 29 -0.74 -3.45 -2.94
C VAL B 29 -1.26 -4.74 -2.36
N THR B 30 -0.68 -5.22 -1.26
CA THR B 30 -1.06 -6.48 -0.66
C THR B 30 -2.13 -6.34 0.40
N SER B 31 -2.71 -5.15 0.55
CA SER B 31 -3.79 -4.95 1.50
C SER B 31 -5.17 -5.15 0.90
N TYR B 32 -5.28 -5.35 -0.41
CA TYR B 32 -6.57 -5.45 -1.06
C TYR B 32 -6.46 -6.34 -2.28
N HIS B 33 -7.61 -6.80 -2.76
CA HIS B 33 -7.68 -7.50 -4.03
C HIS B 33 -7.88 -6.50 -5.16
N TRP B 34 -7.34 -6.83 -6.33
CA TRP B 34 -7.34 -5.92 -7.46
C TRP B 34 -7.88 -6.62 -8.70
N SER B 35 -8.38 -5.83 -9.64
CA SER B 35 -8.97 -6.38 -10.85
C SER B 35 -8.71 -5.43 -12.02
N TRP B 36 -8.93 -5.94 -13.23
CA TRP B 36 -8.82 -5.17 -14.45
C TRP B 36 -10.14 -5.24 -15.19
N ILE B 37 -10.69 -4.08 -15.55
CA ILE B 37 -11.90 -3.98 -16.35
C ILE B 37 -11.57 -3.18 -17.59
N ARG B 38 -11.98 -3.69 -18.75
CA ARG B 38 -11.76 -3.00 -20.00
C ARG B 38 -13.09 -2.65 -20.64
N GLN B 39 -13.08 -1.62 -21.48
CA GLN B 39 -14.29 -1.19 -22.16
C GLN B 39 -13.96 -0.83 -23.61
N PRO B 40 -14.43 -1.60 -24.58
CA PRO B 40 -14.23 -1.20 -25.96
C PRO B 40 -14.90 0.13 -26.23
N PRO B 41 -14.33 0.94 -27.11
CA PRO B 41 -14.89 2.29 -27.34
C PRO B 41 -16.33 2.21 -27.83
N GLY B 42 -17.22 2.90 -27.12
CA GLY B 42 -18.62 2.88 -27.47
C GLY B 42 -19.31 1.55 -27.29
N LYS B 43 -18.98 0.82 -26.23
CA LYS B 43 -19.62 -0.45 -25.93
C LYS B 43 -19.59 -0.68 -24.43
N GLY B 44 -20.19 -1.79 -23.99
CA GLY B 44 -20.34 -2.05 -22.59
C GLY B 44 -19.07 -2.47 -21.90
N LEU B 45 -19.12 -2.46 -20.58
CA LEU B 45 -17.98 -2.84 -19.77
C LEU B 45 -17.77 -4.35 -19.79
N GLU B 46 -16.52 -4.76 -19.62
CA GLU B 46 -16.14 -6.17 -19.59
C GLU B 46 -15.10 -6.39 -18.50
N TRP B 47 -15.20 -7.52 -17.83
CA TRP B 47 -14.28 -7.88 -16.75
C TRP B 47 -13.24 -8.85 -17.26
N ILE B 48 -11.98 -8.58 -16.94
CA ILE B 48 -10.86 -9.37 -17.42
C ILE B 48 -10.45 -10.43 -16.42
N GLY B 49 -10.21 -10.03 -15.18
CA GLY B 49 -9.82 -10.96 -14.14
C GLY B 49 -9.45 -10.19 -12.90
N TYR B 50 -9.30 -10.91 -11.81
CA TYR B 50 -8.85 -10.30 -10.56
C TYR B 50 -7.81 -11.19 -9.91
N ILE B 51 -6.97 -10.55 -9.10
CA ILE B 51 -5.88 -11.22 -8.40
C ILE B 51 -6.01 -10.92 -6.91
N TYR B 52 -6.03 -11.96 -6.10
CA TYR B 52 -6.06 -11.77 -4.66
C TYR B 52 -4.70 -11.33 -4.15
N TYR B 53 -4.65 -10.87 -2.91
CA TYR B 53 -3.36 -10.47 -2.39
C TYR B 53 -2.46 -11.66 -2.12
N SER B 54 -2.97 -12.89 -2.23
CA SER B 54 -2.17 -14.09 -2.13
C SER B 54 -1.57 -14.50 -3.46
N GLY B 55 -1.80 -13.73 -4.51
CA GLY B 55 -1.29 -14.05 -5.82
C GLY B 55 -2.14 -14.99 -6.63
N PHE B 56 -3.24 -15.50 -6.08
CA PHE B 56 -4.10 -16.43 -6.82
C PHE B 56 -5.09 -15.65 -7.66
N THR B 57 -5.15 -15.96 -8.95
CA THR B 57 -5.90 -15.19 -9.92
C THR B 57 -7.07 -15.98 -10.47
N THR B 58 -8.16 -15.27 -10.75
CA THR B 58 -9.30 -15.81 -11.48
C THR B 58 -9.46 -15.01 -12.77
N TYR B 59 -9.66 -15.71 -13.87
CA TYR B 59 -9.64 -15.08 -15.19
C TYR B 59 -10.98 -15.24 -15.88
N ASN B 60 -11.28 -14.30 -16.76
CA ASN B 60 -12.48 -14.40 -17.58
C ASN B 60 -12.38 -15.66 -18.43
N PRO B 61 -13.42 -16.50 -18.45
CA PRO B 61 -13.31 -17.75 -19.23
C PRO B 61 -12.98 -17.54 -20.69
N SER B 62 -13.50 -16.47 -21.31
CA SER B 62 -13.24 -16.24 -22.71
C SER B 62 -11.79 -15.82 -22.96
N LEU B 63 -11.13 -15.26 -21.95
CA LEU B 63 -9.75 -14.79 -22.09
C LEU B 63 -8.80 -15.58 -21.21
N LYS B 64 -9.22 -16.76 -20.73
CA LYS B 64 -8.44 -17.47 -19.72
C LYS B 64 -7.10 -17.93 -20.27
N SER B 65 -7.01 -18.17 -21.57
CA SER B 65 -5.79 -18.69 -22.17
C SER B 65 -4.81 -17.61 -22.57
N ARG B 66 -5.18 -16.33 -22.48
CA ARG B 66 -4.31 -15.25 -22.91
C ARG B 66 -4.01 -14.23 -21.84
N VAL B 67 -4.59 -14.35 -20.64
CA VAL B 67 -4.49 -13.34 -19.60
C VAL B 67 -3.53 -13.82 -18.53
N THR B 68 -2.66 -12.94 -18.06
CA THR B 68 -1.75 -13.24 -16.97
C THR B 68 -1.63 -12.01 -16.08
N MET B 69 -1.91 -12.18 -14.79
CA MET B 69 -1.87 -11.09 -13.82
C MET B 69 -0.91 -11.44 -12.69
N SER B 70 -0.23 -10.43 -12.16
CA SER B 70 0.76 -10.66 -11.12
C SER B 70 0.93 -9.41 -10.27
N LEU B 71 1.52 -9.60 -9.10
CA LEU B 71 1.79 -8.53 -8.15
C LEU B 71 3.28 -8.21 -8.11
N ASP B 72 3.62 -6.94 -8.06
CA ASP B 72 4.98 -6.46 -7.87
C ASP B 72 4.99 -5.66 -6.58
N THR B 73 5.17 -6.34 -5.45
CA THR B 73 5.06 -5.67 -4.16
C THR B 73 6.20 -4.68 -3.93
N SER B 74 7.34 -4.89 -4.58
CA SER B 74 8.46 -3.98 -4.41
C SER B 74 8.12 -2.58 -4.90
N LYS B 75 7.47 -2.49 -6.06
CA LYS B 75 7.06 -1.21 -6.60
C LYS B 75 5.65 -0.83 -6.18
N ASN B 76 4.99 -1.65 -5.36
CA ASN B 76 3.63 -1.41 -4.92
C ASN B 76 2.69 -1.24 -6.12
N GLN B 77 2.70 -2.24 -6.99
CA GLN B 77 1.89 -2.20 -8.20
C GLN B 77 1.64 -3.63 -8.67
N PHE B 78 0.52 -3.79 -9.37
CA PHE B 78 0.15 -5.05 -10.00
C PHE B 78 -0.01 -4.84 -11.49
N SER B 79 0.15 -5.91 -12.26
CA SER B 79 0.21 -5.80 -13.71
C SER B 79 -0.71 -6.81 -14.35
N LEU B 80 -1.09 -6.51 -15.59
CA LEU B 80 -1.81 -7.41 -16.47
C LEU B 80 -1.04 -7.56 -17.76
N ARG B 81 -0.96 -8.80 -18.27
CA ARG B 81 -0.27 -9.07 -19.52
C ARG B 81 -1.18 -9.89 -20.40
N LEU B 82 -1.60 -9.32 -21.52
CA LEU B 82 -2.49 -9.97 -22.47
C LEU B 82 -1.72 -10.22 -23.75
N SER B 83 -1.74 -11.46 -24.23
CA SER B 83 -0.95 -11.87 -25.37
C SER B 83 -1.83 -12.13 -26.58
N SER B 84 -1.23 -12.02 -27.76
CA SER B 84 -1.91 -12.27 -29.03
C SER B 84 -3.11 -11.34 -29.21
N VAL B 85 -2.86 -10.04 -29.05
CA VAL B 85 -3.94 -9.07 -29.18
C VAL B 85 -4.40 -9.01 -30.63
N THR B 86 -5.64 -8.61 -30.82
CA THR B 86 -6.21 -8.43 -32.15
C THR B 86 -6.95 -7.10 -32.19
N ALA B 87 -7.64 -6.84 -33.29
CA ALA B 87 -8.37 -5.59 -33.43
C ALA B 87 -9.55 -5.50 -32.45
N ALA B 88 -9.94 -6.61 -31.83
CA ALA B 88 -11.02 -6.60 -30.86
C ALA B 88 -10.54 -6.34 -29.44
N ASP B 89 -9.24 -6.14 -29.23
CA ASP B 89 -8.69 -5.89 -27.91
C ASP B 89 -8.38 -4.43 -27.66
N THR B 90 -8.69 -3.55 -28.60
CA THR B 90 -8.52 -2.12 -28.36
C THR B 90 -9.67 -1.62 -27.50
N ALA B 91 -9.35 -0.93 -26.43
CA ALA B 91 -10.34 -0.56 -25.42
C ALA B 91 -9.68 0.39 -24.44
N VAL B 92 -10.46 0.81 -23.45
CA VAL B 92 -9.97 1.56 -22.30
C VAL B 92 -9.87 0.58 -21.14
N TYR B 93 -8.68 0.42 -20.59
CA TYR B 93 -8.44 -0.53 -19.52
C TYR B 93 -8.40 0.20 -18.18
N TYR B 94 -9.31 -0.16 -17.29
CA TYR B 94 -9.36 0.40 -15.94
C TYR B 94 -8.80 -0.62 -14.96
N CYS B 95 -7.99 -0.15 -14.01
CA CYS B 95 -7.58 -0.97 -12.89
C CYS B 95 -8.33 -0.49 -11.65
N VAL B 96 -8.95 -1.43 -10.95
CA VAL B 96 -9.84 -1.11 -9.85
C VAL B 96 -9.44 -1.93 -8.64
N ARG B 97 -9.85 -1.44 -7.47
CA ARG B 97 -9.77 -2.25 -6.27
C ARG B 97 -11.00 -3.14 -6.19
N LEU B 98 -10.81 -4.35 -5.69
CA LEU B 98 -11.86 -5.36 -5.64
C LEU B 98 -12.37 -5.46 -4.22
N LEU B 99 -13.48 -4.78 -3.95
CA LEU B 99 -14.11 -4.90 -2.65
C LEU B 99 -14.73 -6.27 -2.48
N SER B 100 -14.74 -6.79 -1.26
CA SER B 100 -15.25 -8.11 -0.96
C SER B 100 -16.55 -8.01 -0.18
N GLY B 101 -17.49 -8.89 -0.50
CA GLY B 101 -18.81 -8.89 0.08
C GLY B 101 -18.95 -9.90 1.20
N SER B 102 -20.18 -10.37 1.41
CA SER B 102 -20.45 -11.30 2.49
C SER B 102 -19.81 -12.66 2.25
N LEU B 103 -20.00 -13.22 1.06
CA LEU B 103 -19.41 -14.50 0.72
C LEU B 103 -18.13 -14.27 -0.09
N TYR B 104 -17.32 -15.33 -0.20
CA TYR B 104 -15.95 -15.11 -0.66
C TYR B 104 -15.85 -14.83 -2.15
N TRP B 105 -16.92 -15.02 -2.91
CA TRP B 105 -16.90 -14.72 -4.34
C TRP B 105 -17.61 -13.42 -4.66
N ASN B 106 -18.13 -12.72 -3.67
CA ASN B 106 -18.85 -11.47 -3.87
C ASN B 106 -17.84 -10.34 -4.01
N HIS B 107 -17.82 -9.71 -5.17
CA HIS B 107 -16.89 -8.62 -5.44
C HIS B 107 -17.57 -7.53 -6.24
N TRP B 108 -17.27 -6.28 -5.89
CA TRP B 108 -17.62 -5.13 -6.71
C TRP B 108 -16.43 -4.19 -6.75
N PHE B 109 -16.39 -3.34 -7.77
CA PHE B 109 -15.19 -2.58 -8.11
C PHE B 109 -15.32 -1.14 -7.63
N ASP B 110 -14.42 -0.73 -6.75
CA ASP B 110 -14.30 0.65 -6.30
C ASP B 110 -13.03 0.80 -5.47
N PRO B 111 -12.25 1.89 -5.63
CA PRO B 111 -12.37 2.98 -6.59
C PRO B 111 -11.74 2.63 -7.93
N TRP B 112 -12.17 3.27 -9.01
CA TRP B 112 -11.61 2.98 -10.32
C TRP B 112 -10.44 3.91 -10.61
N GLY B 113 -9.53 3.42 -11.44
CA GLY B 113 -8.48 4.27 -11.94
C GLY B 113 -8.98 5.17 -13.04
N GLN B 114 -8.11 6.07 -13.49
CA GLN B 114 -8.49 6.96 -14.58
C GLN B 114 -8.79 6.18 -15.84
N GLY B 115 -7.97 5.18 -16.15
CA GLY B 115 -8.18 4.38 -17.32
C GLY B 115 -7.31 4.80 -18.48
N THR B 116 -6.51 3.88 -18.99
CA THR B 116 -5.67 4.14 -20.15
C THR B 116 -6.32 3.60 -21.41
N LEU B 117 -5.95 4.16 -22.54
CA LEU B 117 -6.43 3.71 -23.84
C LEU B 117 -5.35 2.92 -24.55
N VAL B 118 -5.72 1.76 -25.07
CA VAL B 118 -4.81 0.91 -25.83
C VAL B 118 -5.42 0.65 -27.19
N THR B 119 -4.64 0.89 -28.24
CA THR B 119 -5.08 0.74 -29.62
C THR B 119 -4.27 -0.36 -30.30
N VAL B 120 -4.96 -1.28 -30.97
CA VAL B 120 -4.33 -2.35 -31.73
C VAL B 120 -4.48 -2.00 -33.20
N SER B 121 -3.41 -1.49 -33.81
CA SER B 121 -3.45 -1.16 -35.23
C SER B 121 -2.21 -1.69 -35.93
N SER B 122 -2.11 -1.44 -37.23
CA SER B 122 -0.96 -1.87 -38.00
C SER B 122 -0.48 -0.76 -38.93
N ALA B 123 -0.53 0.48 -38.44
CA ALA B 123 -0.12 1.62 -39.25
C ALA B 123 0.60 2.61 -38.36
N SER B 124 1.62 3.26 -38.89
CA SER B 124 2.38 4.25 -38.16
C SER B 124 1.69 5.61 -38.23
N THR B 125 2.37 6.64 -37.73
CA THR B 125 1.83 7.99 -37.79
C THR B 125 1.71 8.46 -39.23
N LYS B 126 0.55 9.01 -39.57
CA LYS B 126 0.29 9.53 -40.91
C LYS B 126 -0.45 10.85 -40.81
N GLY B 127 -0.10 11.79 -41.68
CA GLY B 127 -0.73 13.09 -41.71
C GLY B 127 -2.05 13.06 -42.43
N PRO B 128 -3.02 13.83 -41.94
CA PRO B 128 -4.34 13.87 -42.58
C PRO B 128 -4.35 14.79 -43.79
N SER B 129 -5.17 14.42 -44.76
CA SER B 129 -5.42 15.25 -45.92
C SER B 129 -6.66 16.11 -45.68
N VAL B 130 -6.51 17.42 -45.85
CA VAL B 130 -7.55 18.38 -45.54
C VAL B 130 -8.23 18.78 -46.84
N PHE B 131 -9.48 18.37 -46.99
CA PHE B 131 -10.27 18.75 -48.15
C PHE B 131 -11.40 19.67 -47.71
N PRO B 132 -11.65 20.75 -48.44
CA PRO B 132 -12.68 21.69 -48.02
C PRO B 132 -14.08 21.18 -48.32
N LEU B 133 -14.95 21.30 -47.32
CA LEU B 133 -16.38 21.05 -47.47
C LEU B 133 -17.02 22.39 -47.79
N ALA B 134 -16.79 22.86 -49.01
CA ALA B 134 -17.10 24.24 -49.36
C ALA B 134 -18.59 24.50 -49.31
N PRO B 135 -19.01 25.69 -48.87
CA PRO B 135 -20.45 25.99 -48.84
C PRO B 135 -21.02 26.09 -50.25
N SER B 136 -22.16 25.43 -50.44
CA SER B 136 -22.80 25.37 -51.74
C SER B 136 -24.31 25.26 -51.55
N SER B 137 -25.03 25.20 -52.66
CA SER B 137 -26.48 25.10 -52.66
C SER B 137 -26.93 23.74 -52.17
N THR B 144 -29.41 29.50 -43.28
CA THR B 144 -28.06 29.25 -42.76
C THR B 144 -27.24 28.45 -43.75
N ALA B 145 -25.92 28.58 -43.66
CA ALA B 145 -25.00 27.88 -44.53
C ALA B 145 -24.13 26.92 -43.72
N ALA B 146 -23.93 25.72 -44.24
CA ALA B 146 -23.10 24.71 -43.60
C ALA B 146 -21.82 24.52 -44.40
N LEU B 147 -20.68 24.58 -43.70
CA LEU B 147 -19.39 24.39 -44.35
C LEU B 147 -18.44 23.75 -43.36
N GLY B 148 -17.37 23.16 -43.89
CA GLY B 148 -16.43 22.45 -43.04
C GLY B 148 -15.20 22.04 -43.81
N CYS B 149 -14.43 21.16 -43.18
CA CYS B 149 -13.22 20.60 -43.77
C CYS B 149 -13.16 19.12 -43.40
N LEU B 150 -12.88 18.29 -44.41
CA LEU B 150 -12.84 16.85 -44.21
C LEU B 150 -11.44 16.43 -43.81
N VAL B 151 -11.32 15.80 -42.65
CA VAL B 151 -10.05 15.30 -42.13
C VAL B 151 -10.06 13.79 -42.28
N LYS B 152 -9.32 13.30 -43.27
CA LYS B 152 -9.38 11.89 -43.68
C LYS B 152 -8.00 11.26 -43.65
N ASP B 153 -7.96 9.97 -43.30
CA ASP B 153 -6.76 9.14 -43.39
C ASP B 153 -5.61 9.65 -42.54
N TYR B 154 -5.80 9.69 -41.23
CA TYR B 154 -4.76 10.06 -40.29
C TYR B 154 -4.67 9.02 -39.20
N PHE B 155 -3.54 9.01 -38.50
CA PHE B 155 -3.35 8.12 -37.36
C PHE B 155 -2.23 8.66 -36.49
N PRO B 156 -2.34 8.57 -35.17
CA PRO B 156 -3.49 8.12 -34.40
C PRO B 156 -4.35 9.30 -33.98
N GLU B 157 -5.37 9.06 -33.16
CA GLU B 157 -6.20 10.13 -32.65
C GLU B 157 -5.39 11.01 -31.70
N PRO B 158 -5.80 12.27 -31.50
CA PRO B 158 -6.95 12.96 -32.10
C PRO B 158 -6.55 14.01 -33.11
N VAL B 159 -7.52 14.63 -33.78
CA VAL B 159 -7.29 15.80 -34.61
C VAL B 159 -8.11 16.95 -34.05
N THR B 160 -7.45 18.08 -33.84
CA THR B 160 -8.10 19.28 -33.31
C THR B 160 -8.28 20.31 -34.41
N VAL B 161 -9.50 20.83 -34.51
CA VAL B 161 -9.87 21.76 -35.56
C VAL B 161 -10.47 23.00 -34.91
N SER B 162 -10.00 24.16 -35.32
CA SER B 162 -10.57 25.44 -34.92
C SER B 162 -10.84 26.27 -36.17
N TRP B 163 -11.76 27.23 -36.04
CA TRP B 163 -12.20 28.05 -37.14
C TRP B 163 -11.78 29.50 -36.91
N ASN B 164 -11.14 30.09 -37.92
CA ASN B 164 -10.68 31.47 -37.86
C ASN B 164 -9.85 31.72 -36.60
N SER B 165 -8.94 30.79 -36.33
CA SER B 165 -8.05 30.85 -35.17
C SER B 165 -8.83 30.91 -33.86
N GLY B 166 -9.95 30.19 -33.78
CA GLY B 166 -10.75 30.16 -32.59
C GLY B 166 -11.78 31.27 -32.47
N ALA B 167 -11.77 32.22 -33.40
CA ALA B 167 -12.74 33.31 -33.34
C ALA B 167 -14.16 32.84 -33.63
N LEU B 168 -14.31 31.70 -34.30
CA LEU B 168 -15.62 31.14 -34.62
C LEU B 168 -15.80 29.86 -33.80
N THR B 169 -16.73 29.89 -32.86
CA THR B 169 -17.00 28.75 -32.00
C THR B 169 -18.48 28.39 -32.03
N SER B 170 -19.33 29.36 -32.33
CA SER B 170 -20.77 29.13 -32.32
C SER B 170 -21.18 28.22 -33.48
N GLY B 171 -21.98 27.20 -33.16
CA GLY B 171 -22.48 26.29 -34.18
C GLY B 171 -21.47 25.30 -34.70
N VAL B 172 -20.31 25.20 -34.07
CA VAL B 172 -19.25 24.31 -34.51
C VAL B 172 -19.51 22.91 -33.97
N HIS B 173 -19.48 21.91 -34.85
CA HIS B 173 -19.66 20.52 -34.47
C HIS B 173 -18.50 19.70 -35.01
N THR B 174 -17.70 19.14 -34.11
CA THR B 174 -16.60 18.26 -34.46
C THR B 174 -16.98 16.84 -34.04
N PHE B 175 -17.35 16.02 -35.01
CA PHE B 175 -17.79 14.66 -34.72
C PHE B 175 -16.64 13.83 -34.19
N PRO B 176 -16.91 12.84 -33.35
CA PRO B 176 -15.86 11.88 -32.99
C PRO B 176 -15.35 11.16 -34.22
N ALA B 177 -14.06 10.87 -34.23
CA ALA B 177 -13.45 10.20 -35.37
C ALA B 177 -13.99 8.80 -35.55
N VAL B 178 -14.00 8.32 -36.79
CA VAL B 178 -14.43 6.96 -37.10
C VAL B 178 -13.24 6.15 -37.57
N LEU B 179 -13.28 4.85 -37.30
CA LEU B 179 -12.20 3.95 -37.66
C LEU B 179 -12.52 3.32 -39.01
N GLN B 180 -11.79 3.73 -40.04
CA GLN B 180 -11.96 3.19 -41.38
C GLN B 180 -11.38 1.79 -41.46
N SER B 181 -11.78 1.05 -42.50
CA SER B 181 -11.30 -0.31 -42.69
C SER B 181 -9.81 -0.36 -42.95
N SER B 182 -9.21 0.74 -43.39
CA SER B 182 -7.78 0.80 -43.66
C SER B 182 -6.94 0.99 -42.40
N GLY B 183 -7.57 1.18 -41.24
CA GLY B 183 -6.84 1.45 -40.03
C GLY B 183 -6.56 2.91 -39.77
N LEU B 184 -6.92 3.79 -40.68
CA LEU B 184 -6.77 5.22 -40.48
C LEU B 184 -8.07 5.82 -39.96
N TYR B 185 -7.94 6.91 -39.20
CA TYR B 185 -9.09 7.59 -38.63
C TYR B 185 -9.54 8.72 -39.54
N SER B 186 -10.79 9.12 -39.37
CA SER B 186 -11.37 10.19 -40.17
C SER B 186 -12.50 10.83 -39.39
N LEU B 187 -12.60 12.16 -39.49
CA LEU B 187 -13.68 12.89 -38.87
C LEU B 187 -13.97 14.11 -39.70
N SER B 188 -15.15 14.68 -39.48
CA SER B 188 -15.56 15.90 -40.15
C SER B 188 -15.90 16.94 -39.11
N SER B 189 -15.59 18.20 -39.41
CA SER B 189 -15.91 19.32 -38.54
C SER B 189 -16.70 20.32 -39.34
N VAL B 190 -17.88 20.70 -38.84
CA VAL B 190 -18.78 21.58 -39.56
C VAL B 190 -19.18 22.73 -38.66
N VAL B 191 -19.64 23.81 -39.29
CA VAL B 191 -20.10 24.99 -38.57
C VAL B 191 -21.15 25.68 -39.43
N THR B 192 -22.22 26.12 -38.79
CA THR B 192 -23.30 26.82 -39.47
C THR B 192 -23.11 28.32 -39.35
N VAL B 193 -23.09 28.99 -40.49
CA VAL B 193 -22.89 30.44 -40.54
C VAL B 193 -23.96 31.02 -41.45
N PRO B 194 -24.32 32.30 -41.29
CA PRO B 194 -25.27 32.92 -42.23
C PRO B 194 -24.75 32.86 -43.65
N SER B 195 -25.62 32.41 -44.57
CA SER B 195 -25.22 32.28 -45.96
C SER B 195 -25.05 33.63 -46.66
N SER B 196 -25.60 34.70 -46.08
CA SER B 196 -25.55 36.00 -46.72
C SER B 196 -24.15 36.62 -46.73
N SER B 197 -23.25 36.13 -45.88
CA SER B 197 -21.93 36.73 -45.72
C SER B 197 -20.81 35.82 -46.21
N LEU B 198 -21.11 34.88 -47.10
CA LEU B 198 -20.08 34.00 -47.63
C LEU B 198 -19.07 34.75 -48.49
N GLY B 199 -19.52 35.74 -49.27
CA GLY B 199 -18.62 36.47 -50.15
C GLY B 199 -17.80 37.54 -49.47
N THR B 200 -18.07 37.84 -48.20
CA THR B 200 -17.34 38.85 -47.45
C THR B 200 -16.59 38.33 -46.25
N GLN B 201 -17.04 37.24 -45.63
CA GLN B 201 -16.33 36.67 -44.50
C GLN B 201 -15.40 35.55 -44.97
N THR B 202 -14.26 35.46 -44.30
CA THR B 202 -13.25 34.45 -44.61
C THR B 202 -13.35 33.33 -43.58
N TYR B 203 -13.52 32.10 -44.06
CA TYR B 203 -13.64 30.94 -43.20
C TYR B 203 -12.48 30.00 -43.48
N ILE B 204 -11.56 29.89 -42.52
CA ILE B 204 -10.38 29.05 -42.64
C ILE B 204 -10.39 28.06 -41.49
N CYS B 205 -10.31 26.77 -41.81
CA CYS B 205 -10.27 25.72 -40.81
C CYS B 205 -8.83 25.45 -40.40
N ASN B 206 -8.58 25.47 -39.10
CA ASN B 206 -7.25 25.28 -38.54
C ASN B 206 -7.13 23.84 -38.10
N VAL B 207 -6.66 22.98 -39.00
CA VAL B 207 -6.52 21.55 -38.72
C VAL B 207 -5.14 21.32 -38.14
N ASN B 208 -5.08 20.64 -37.00
CA ASN B 208 -3.83 20.36 -36.31
C ASN B 208 -3.79 18.89 -35.94
N HIS B 209 -2.84 18.17 -36.51
CA HIS B 209 -2.57 16.76 -36.17
C HIS B 209 -1.19 16.73 -35.52
N LYS B 210 -1.16 16.91 -34.20
CA LYS B 210 0.11 16.96 -33.48
C LYS B 210 0.99 15.72 -33.65
N PRO B 211 0.46 14.50 -33.62
CA PRO B 211 1.35 13.33 -33.82
C PRO B 211 2.13 13.38 -35.12
N SER B 212 1.54 13.91 -36.19
CA SER B 212 2.24 14.09 -37.44
C SER B 212 2.72 15.51 -37.66
N ASN B 213 2.47 16.41 -36.71
CA ASN B 213 2.87 17.81 -36.82
C ASN B 213 2.32 18.46 -38.08
N THR B 214 1.05 18.17 -38.38
CA THR B 214 0.38 18.71 -39.55
C THR B 214 -0.55 19.85 -39.13
N LYS B 215 -0.30 21.03 -39.69
CA LYS B 215 -1.15 22.19 -39.46
C LYS B 215 -1.52 22.78 -40.82
N VAL B 216 -2.80 22.68 -41.17
CA VAL B 216 -3.28 23.13 -42.46
C VAL B 216 -4.30 24.24 -42.23
N ASP B 217 -4.07 25.40 -42.83
CA ASP B 217 -5.02 26.50 -42.83
C ASP B 217 -5.68 26.54 -44.20
N LYS B 218 -6.84 25.91 -44.31
CA LYS B 218 -7.55 25.79 -45.58
C LYS B 218 -8.69 26.79 -45.61
N ARG B 219 -8.62 27.74 -46.54
CA ARG B 219 -9.66 28.74 -46.68
C ARG B 219 -10.87 28.15 -47.36
N VAL B 220 -12.00 28.11 -46.66
CA VAL B 220 -13.22 27.50 -47.15
C VAL B 220 -14.03 28.56 -47.87
N GLU B 221 -14.08 28.47 -49.20
CA GLU B 221 -14.75 29.43 -50.05
C GLU B 221 -15.66 28.72 -51.04
N PRO B 222 -16.76 29.36 -51.46
CA PRO B 222 -17.64 28.73 -52.44
C PRO B 222 -16.94 28.47 -53.76
N LYS B 223 -17.31 27.37 -54.40
CA LYS B 223 -16.69 26.96 -55.66
C LYS B 223 -17.25 27.76 -56.83
N ALA C 1 -21.60 -16.54 -18.16
CA ALA C 1 -22.52 -17.61 -17.80
C ALA C 1 -23.86 -17.03 -17.36
N ILE C 2 -23.82 -15.95 -16.61
CA ILE C 2 -25.02 -15.25 -16.17
C ILE C 2 -25.13 -13.97 -16.97
N GLN C 3 -26.18 -13.85 -17.77
CA GLN C 3 -26.38 -12.68 -18.59
C GLN C 3 -27.27 -11.66 -17.88
N LEU C 4 -26.92 -10.39 -18.01
CA LEU C 4 -27.71 -9.29 -17.47
C LEU C 4 -28.22 -8.46 -18.64
N THR C 5 -29.53 -8.25 -18.69
CA THR C 5 -30.15 -7.41 -19.69
C THR C 5 -30.84 -6.23 -19.02
N GLN C 6 -30.48 -5.03 -19.43
CA GLN C 6 -31.08 -3.81 -18.90
C GLN C 6 -32.15 -3.31 -19.86
N SER C 7 -33.24 -2.80 -19.29
CA SER C 7 -34.32 -2.24 -20.09
C SER C 7 -34.85 -0.99 -19.39
N PRO C 8 -35.10 0.10 -20.13
CA PRO C 8 -34.89 0.28 -21.57
C PRO C 8 -33.43 0.57 -21.88
N SER C 9 -32.99 0.39 -23.12
CA SER C 9 -31.61 0.71 -23.46
C SER C 9 -31.33 2.20 -23.32
N THR C 10 -32.26 3.04 -23.78
CA THR C 10 -32.14 4.49 -23.68
C THR C 10 -33.40 5.04 -23.03
N LEU C 11 -33.24 5.95 -22.08
CA LEU C 11 -34.36 6.56 -21.39
C LEU C 11 -34.17 8.06 -21.39
N SER C 12 -35.23 8.80 -21.75
CA SER C 12 -35.21 10.25 -21.75
C SER C 12 -36.17 10.76 -20.69
N ALA C 13 -35.69 11.66 -19.83
CA ALA C 13 -36.52 12.23 -18.80
C ALA C 13 -35.93 13.58 -18.40
N SER C 14 -36.82 14.52 -18.08
CA SER C 14 -36.42 15.86 -17.71
C SER C 14 -36.04 15.91 -16.23
N VAL C 15 -35.44 17.03 -15.82
CA VAL C 15 -35.00 17.17 -14.45
C VAL C 15 -36.20 17.12 -13.50
N GLY C 16 -36.00 16.50 -12.35
CA GLY C 16 -37.04 16.38 -11.35
C GLY C 16 -37.99 15.22 -11.57
N ASP C 17 -37.83 14.46 -12.65
CA ASP C 17 -38.70 13.34 -12.92
C ASP C 17 -38.18 12.08 -12.22
N ARG C 18 -39.06 11.08 -12.12
CA ARG C 18 -38.74 9.81 -11.48
C ARG C 18 -38.31 8.83 -12.56
N VAL C 19 -37.09 8.31 -12.44
CA VAL C 19 -36.48 7.46 -13.45
C VAL C 19 -36.31 6.05 -12.89
N THR C 20 -36.72 5.06 -13.68
CA THR C 20 -36.65 3.66 -13.27
C THR C 20 -35.89 2.85 -14.32
N ILE C 21 -34.85 2.15 -13.88
CA ILE C 21 -34.02 1.31 -14.75
C ILE C 21 -34.08 -0.11 -14.21
N THR C 22 -34.32 -1.07 -15.11
CA THR C 22 -34.51 -2.46 -14.72
C THR C 22 -33.35 -3.31 -15.23
N CYS C 23 -32.76 -4.09 -14.33
CA CYS C 23 -31.72 -5.06 -14.67
C CYS C 23 -32.27 -6.46 -14.39
N ARG C 24 -32.18 -7.33 -15.39
CA ARG C 24 -32.77 -8.66 -15.31
C ARG C 24 -31.71 -9.71 -15.58
N ALA C 25 -31.67 -10.74 -14.74
CA ALA C 25 -30.65 -11.77 -14.79
C ALA C 25 -31.25 -13.11 -15.23
N SER C 26 -30.43 -13.92 -15.89
CA SER C 26 -30.90 -15.20 -16.39
C SER C 26 -31.03 -16.24 -15.29
N GLN C 27 -30.21 -16.14 -14.25
CA GLN C 27 -30.27 -17.02 -13.10
C GLN C 27 -30.41 -16.18 -11.84
N SER C 28 -30.99 -16.77 -10.80
CA SER C 28 -31.14 -16.07 -9.53
C SER C 28 -29.77 -15.70 -8.99
N ILE C 29 -29.61 -14.44 -8.59
CA ILE C 29 -28.34 -13.96 -8.05
C ILE C 29 -28.50 -13.38 -6.65
N ASP C 30 -29.58 -13.74 -5.96
CA ASP C 30 -29.84 -13.27 -4.60
C ASP C 30 -29.82 -11.74 -4.64
N ASN C 31 -29.25 -11.10 -3.61
CA ASN C 31 -29.10 -9.66 -3.59
C ASN C 31 -27.74 -9.22 -4.09
N TRP C 32 -27.03 -10.07 -4.82
CA TRP C 32 -25.65 -9.76 -5.20
C TRP C 32 -25.67 -8.98 -6.51
N LEU C 33 -25.70 -7.66 -6.41
CA LEU C 33 -25.78 -6.81 -7.59
C LEU C 33 -25.30 -5.42 -7.23
N ALA C 34 -24.66 -4.77 -8.19
CA ALA C 34 -24.14 -3.42 -8.01
C ALA C 34 -24.51 -2.58 -9.21
N TRP C 35 -24.54 -1.27 -9.00
CA TRP C 35 -24.87 -0.31 -10.05
C TRP C 35 -23.73 0.70 -10.17
N TYR C 36 -23.37 1.03 -11.41
CA TYR C 36 -22.32 1.98 -11.68
C TYR C 36 -22.85 3.10 -12.56
N GLN C 37 -22.35 4.31 -12.31
CA GLN C 37 -22.70 5.48 -13.10
C GLN C 37 -21.50 5.85 -13.94
N GLN C 38 -21.67 5.91 -15.25
CA GLN C 38 -20.60 6.17 -16.20
C GLN C 38 -20.92 7.46 -16.95
N LYS C 39 -20.24 8.54 -16.60
CA LYS C 39 -20.38 9.73 -17.42
C LYS C 39 -19.42 9.65 -18.60
N PRO C 40 -19.76 10.25 -19.74
CA PRO C 40 -18.92 10.08 -20.94
C PRO C 40 -17.51 10.56 -20.70
N GLY C 41 -16.54 9.76 -21.13
CA GLY C 41 -15.15 10.13 -21.04
C GLY C 41 -14.53 10.05 -19.66
N LYS C 42 -15.21 9.42 -18.70
CA LYS C 42 -14.69 9.30 -17.35
C LYS C 42 -14.88 7.87 -16.85
N ALA C 43 -14.27 7.58 -15.72
CA ALA C 43 -14.35 6.26 -15.13
C ALA C 43 -15.71 6.05 -14.49
N PRO C 44 -16.20 4.81 -14.46
CA PRO C 44 -17.48 4.53 -13.79
C PRO C 44 -17.37 4.78 -12.31
N LYS C 45 -18.53 5.05 -11.70
CA LYS C 45 -18.59 5.40 -10.29
C LYS C 45 -19.60 4.49 -9.61
N LEU C 46 -19.18 3.81 -8.55
CA LEU C 46 -20.06 2.90 -7.85
C LEU C 46 -21.17 3.66 -7.14
N LEU C 47 -22.40 3.17 -7.29
CA LEU C 47 -23.55 3.77 -6.64
C LEU C 47 -24.15 2.89 -5.56
N ILE C 48 -24.54 1.68 -5.92
CA ILE C 48 -25.29 0.80 -5.03
C ILE C 48 -24.63 -0.57 -5.07
N TYR C 49 -24.52 -1.22 -3.92
CA TYR C 49 -24.03 -2.58 -3.86
C TYR C 49 -24.97 -3.41 -2.99
N ASP C 50 -24.87 -4.72 -3.13
CA ASP C 50 -25.72 -5.66 -2.39
C ASP C 50 -27.19 -5.37 -2.62
N GLY C 51 -27.53 -4.90 -3.81
CA GLY C 51 -28.92 -4.69 -4.16
C GLY C 51 -29.46 -3.33 -3.75
N SER C 52 -29.35 -3.00 -2.46
CA SER C 52 -29.97 -1.79 -1.95
C SER C 52 -29.05 -0.92 -1.09
N SER C 53 -27.90 -1.41 -0.66
CA SER C 53 -27.01 -0.57 0.12
C SER C 53 -26.50 0.58 -0.72
N LEU C 54 -26.33 1.73 -0.08
CA LEU C 54 -25.96 2.96 -0.77
C LEU C 54 -24.51 3.29 -0.47
N GLN C 55 -23.72 3.51 -1.51
CA GLN C 55 -22.32 3.83 -1.33
C GLN C 55 -22.16 5.17 -0.64
N SER C 56 -21.12 5.30 0.18
CA SER C 56 -20.86 6.54 0.89
C SER C 56 -20.56 7.67 -0.07
N GLY C 57 -21.19 8.82 0.16
CA GLY C 57 -21.00 9.98 -0.67
C GLY C 57 -21.98 10.11 -1.82
N VAL C 58 -22.70 9.05 -2.14
CA VAL C 58 -23.69 9.10 -3.23
C VAL C 58 -24.91 9.87 -2.76
N PRO C 59 -25.47 10.75 -3.58
CA PRO C 59 -26.69 11.45 -3.17
C PRO C 59 -27.83 10.48 -2.92
N SER C 60 -28.71 10.87 -1.99
CA SER C 60 -29.74 9.97 -1.51
C SER C 60 -30.85 9.72 -2.53
N ARG C 61 -30.88 10.45 -3.64
CA ARG C 61 -31.95 10.22 -4.61
C ARG C 61 -31.83 8.86 -5.29
N PHE C 62 -30.64 8.29 -5.30
CA PHE C 62 -30.47 6.96 -5.87
C PHE C 62 -30.96 5.89 -4.90
N SER C 63 -31.85 5.03 -5.38
CA SER C 63 -32.41 3.97 -4.56
C SER C 63 -32.37 2.67 -5.33
N GLY C 64 -31.96 1.61 -4.66
CA GLY C 64 -31.92 0.28 -5.26
C GLY C 64 -32.90 -0.64 -4.56
N SER C 65 -33.58 -1.47 -5.34
CA SER C 65 -34.64 -2.30 -4.79
C SER C 65 -34.87 -3.47 -5.71
N GLY C 66 -34.66 -4.68 -5.20
CA GLY C 66 -34.91 -5.89 -5.97
C GLY C 66 -34.17 -7.08 -5.43
N SER C 67 -34.63 -8.28 -5.78
CA SER C 67 -33.95 -9.50 -5.38
C SER C 67 -34.35 -10.63 -6.32
N GLY C 68 -33.54 -11.66 -6.34
CA GLY C 68 -33.80 -12.78 -7.23
C GLY C 68 -33.27 -12.56 -8.63
N THR C 69 -34.17 -12.29 -9.57
CA THR C 69 -33.80 -12.10 -10.97
C THR C 69 -34.13 -10.72 -11.52
N GLU C 70 -34.85 -9.89 -10.77
CA GLU C 70 -35.23 -8.55 -11.22
C GLU C 70 -34.78 -7.52 -10.20
N PHE C 71 -34.17 -6.44 -10.68
CA PHE C 71 -33.72 -5.36 -9.84
C PHE C 71 -34.12 -4.04 -10.49
N THR C 72 -34.22 -3.00 -9.68
CA THR C 72 -34.55 -1.67 -10.18
C THR C 72 -33.61 -0.65 -9.57
N LEU C 73 -33.37 0.41 -10.32
CA LEU C 73 -32.63 1.57 -9.84
C LEU C 73 -33.52 2.78 -10.05
N THR C 74 -33.76 3.54 -8.98
CA THR C 74 -34.70 4.65 -9.01
C THR C 74 -33.99 5.93 -8.63
N ILE C 75 -34.19 6.97 -9.44
CA ILE C 75 -33.71 8.32 -9.14
C ILE C 75 -34.94 9.16 -8.84
N SER C 76 -35.02 9.67 -7.60
CA SER C 76 -36.23 10.38 -7.18
C SER C 76 -36.39 11.69 -7.93
N SER C 77 -35.35 12.52 -7.97
CA SER C 77 -35.40 13.83 -8.61
C SER C 77 -34.21 13.92 -9.55
N LEU C 78 -34.46 13.68 -10.84
CA LEU C 78 -33.38 13.71 -11.81
C LEU C 78 -32.73 15.08 -11.83
N GLN C 79 -31.40 15.09 -11.93
CA GLN C 79 -30.66 16.34 -11.88
C GLN C 79 -29.64 16.38 -13.02
N PRO C 80 -29.11 17.56 -13.37
CA PRO C 80 -28.14 17.62 -14.47
C PRO C 80 -26.94 16.70 -14.27
N ASP C 81 -26.56 16.42 -13.03
CA ASP C 81 -25.46 15.51 -12.76
C ASP C 81 -25.85 14.05 -12.90
N ASP C 82 -27.10 13.76 -13.21
CA ASP C 82 -27.60 12.40 -13.32
C ASP C 82 -27.86 11.97 -14.76
N PHE C 83 -27.24 12.63 -15.73
CA PHE C 83 -27.34 12.23 -17.13
C PHE C 83 -26.06 11.50 -17.49
N ALA C 84 -26.13 10.18 -17.54
CA ALA C 84 -24.96 9.34 -17.78
C ALA C 84 -25.46 7.95 -18.17
N THR C 85 -24.56 6.99 -18.19
CA THR C 85 -24.88 5.60 -18.48
C THR C 85 -24.76 4.77 -17.22
N TYR C 86 -25.72 3.88 -17.00
CA TYR C 86 -25.79 3.09 -15.77
C TYR C 86 -25.67 1.61 -16.10
N TYR C 87 -24.69 0.95 -15.48
CA TYR C 87 -24.46 -0.47 -15.68
C TYR C 87 -24.79 -1.23 -14.41
N CYS C 88 -25.39 -2.40 -14.56
CA CYS C 88 -25.62 -3.31 -13.45
C CYS C 88 -24.65 -4.47 -13.56
N GLN C 89 -23.97 -4.78 -12.47
CA GLN C 89 -23.02 -5.86 -12.40
C GLN C 89 -23.53 -6.91 -11.42
N GLN C 90 -23.46 -8.17 -11.81
CA GLN C 90 -23.79 -9.28 -10.94
C GLN C 90 -22.51 -9.90 -10.42
N TYR C 91 -22.50 -10.29 -9.15
CA TYR C 91 -21.34 -10.98 -8.60
C TYR C 91 -21.76 -12.21 -7.83
N ASN C 92 -22.61 -13.04 -8.44
CA ASN C 92 -23.01 -14.31 -7.87
C ASN C 92 -22.32 -15.49 -8.54
N SER C 93 -21.11 -15.28 -9.06
CA SER C 93 -20.34 -16.37 -9.65
C SER C 93 -18.89 -15.95 -9.69
N LEU C 94 -18.04 -16.86 -10.15
CA LEU C 94 -16.64 -16.54 -10.38
C LEU C 94 -16.43 -15.85 -11.72
N PHE C 95 -17.50 -15.66 -12.48
CA PHE C 95 -17.47 -14.93 -13.75
C PHE C 95 -18.32 -13.67 -13.54
N LEU C 96 -17.67 -12.58 -13.15
CA LEU C 96 -18.38 -11.32 -12.97
C LEU C 96 -18.74 -10.74 -14.33
N THR C 97 -20.00 -10.40 -14.52
CA THR C 97 -20.49 -9.89 -15.78
C THR C 97 -21.25 -8.59 -15.57
N PHE C 98 -21.15 -7.70 -16.54
CA PHE C 98 -21.87 -6.44 -16.50
C PHE C 98 -23.14 -6.53 -17.32
N GLY C 99 -23.91 -5.44 -17.38
CA GLY C 99 -25.09 -5.37 -18.20
C GLY C 99 -24.82 -4.63 -19.49
N GLY C 100 -25.87 -4.52 -20.31
CA GLY C 100 -25.74 -3.80 -21.56
C GLY C 100 -25.46 -2.33 -21.35
N GLY C 101 -26.15 -1.72 -20.39
CA GLY C 101 -25.99 -0.31 -20.14
C GLY C 101 -27.21 0.50 -20.53
N THR C 102 -27.68 1.34 -19.64
CA THR C 102 -28.81 2.23 -19.91
C THR C 102 -28.30 3.67 -19.91
N LYS C 103 -28.64 4.40 -20.97
CA LYS C 103 -28.23 5.80 -21.10
C LYS C 103 -29.43 6.69 -20.83
N VAL C 104 -29.28 7.63 -19.91
CA VAL C 104 -30.33 8.59 -19.58
C VAL C 104 -29.91 9.93 -20.17
N GLU C 105 -30.89 10.73 -20.57
CA GLU C 105 -30.62 11.92 -21.39
C GLU C 105 -31.56 13.06 -21.04
N ILE C 106 -31.19 14.27 -21.42
CA ILE C 106 -32.01 15.45 -21.15
C ILE C 106 -33.17 15.41 -22.14
N LYS C 107 -34.36 15.12 -21.64
CA LYS C 107 -35.54 15.14 -22.46
C LYS C 107 -35.87 16.57 -22.86
N ARG C 108 -36.29 16.76 -24.11
CA ARG C 108 -36.68 18.07 -24.59
C ARG C 108 -37.72 17.89 -25.70
N THR C 109 -38.16 19.00 -26.27
CA THR C 109 -39.16 18.97 -27.33
C THR C 109 -38.54 18.41 -28.62
N VAL C 110 -39.41 17.84 -29.45
CA VAL C 110 -38.96 17.28 -30.71
C VAL C 110 -38.48 18.40 -31.61
N ALA C 111 -37.37 18.14 -32.31
CA ALA C 111 -36.75 19.13 -33.18
C ALA C 111 -36.39 18.47 -34.49
N ALA C 112 -36.59 19.19 -35.59
CA ALA C 112 -36.30 18.62 -36.90
C ALA C 112 -34.86 18.92 -37.31
N PRO C 113 -34.22 18.00 -38.03
CA PRO C 113 -32.84 18.23 -38.47
C PRO C 113 -32.78 19.08 -39.72
N SER C 114 -31.61 19.70 -39.91
CA SER C 114 -31.28 20.38 -41.15
C SER C 114 -30.31 19.53 -41.95
N VAL C 115 -30.56 19.40 -43.25
CA VAL C 115 -29.83 18.47 -44.11
C VAL C 115 -28.96 19.26 -45.07
N PHE C 116 -27.70 18.85 -45.19
CA PHE C 116 -26.76 19.42 -46.13
C PHE C 116 -25.95 18.30 -46.77
N ILE C 117 -25.50 18.54 -47.99
CA ILE C 117 -24.70 17.58 -48.75
C ILE C 117 -23.52 18.31 -49.36
N PHE C 118 -22.41 17.60 -49.56
CA PHE C 118 -21.22 18.21 -50.11
C PHE C 118 -20.62 17.31 -51.20
N PRO C 119 -20.46 17.81 -52.43
CA PRO C 119 -19.72 17.06 -53.44
C PRO C 119 -18.25 17.01 -53.10
N PRO C 120 -17.54 15.99 -53.57
CA PRO C 120 -16.08 15.96 -53.34
C PRO C 120 -15.38 17.07 -54.09
N SER C 121 -14.27 17.54 -53.50
CA SER C 121 -13.51 18.63 -54.09
C SER C 121 -12.68 18.14 -55.28
N ASP C 122 -12.28 19.10 -56.12
CA ASP C 122 -11.43 18.77 -57.25
C ASP C 122 -10.06 18.31 -56.79
N GLU C 123 -9.58 18.84 -55.66
CA GLU C 123 -8.29 18.44 -55.14
C GLU C 123 -8.28 16.95 -54.80
N GLN C 124 -9.35 16.47 -54.17
CA GLN C 124 -9.42 15.06 -53.81
C GLN C 124 -9.59 14.18 -55.04
N LEU C 125 -10.35 14.65 -56.02
CA LEU C 125 -10.54 13.87 -57.25
C LEU C 125 -9.22 13.65 -57.97
N LYS C 126 -8.30 14.61 -57.86
CA LYS C 126 -6.97 14.41 -58.42
C LYS C 126 -6.26 13.24 -57.77
N SER C 127 -6.47 13.05 -56.46
CA SER C 127 -5.87 11.92 -55.76
C SER C 127 -6.48 10.58 -56.11
N GLY C 128 -7.62 10.57 -56.82
CA GLY C 128 -8.25 9.34 -57.24
C GLY C 128 -9.35 8.83 -56.35
N THR C 129 -9.78 9.61 -55.36
CA THR C 129 -10.82 9.17 -54.43
C THR C 129 -11.87 10.27 -54.30
N ALA C 130 -13.11 9.86 -54.06
CA ALA C 130 -14.24 10.77 -53.92
C ALA C 130 -14.99 10.43 -52.64
N SER C 131 -15.25 11.44 -51.82
CA SER C 131 -16.02 11.31 -50.59
C SER C 131 -17.20 12.26 -50.62
N VAL C 132 -18.39 11.73 -50.34
CA VAL C 132 -19.61 12.52 -50.30
C VAL C 132 -20.09 12.58 -48.85
N VAL C 133 -20.37 13.78 -48.38
CA VAL C 133 -20.70 14.04 -46.98
C VAL C 133 -22.15 14.48 -46.88
N CYS C 134 -22.91 13.85 -45.99
CA CYS C 134 -24.28 14.23 -45.68
C CYS C 134 -24.33 14.69 -44.23
N LEU C 135 -24.90 15.86 -43.98
CA LEU C 135 -24.89 16.49 -42.67
C LEU C 135 -26.31 16.61 -42.13
N LEU C 136 -26.51 16.14 -40.90
CA LEU C 136 -27.76 16.30 -40.16
C LEU C 136 -27.46 17.17 -38.94
N ASN C 137 -28.20 18.25 -38.76
CA ASN C 137 -27.88 19.25 -37.74
C ASN C 137 -29.06 19.47 -36.80
N ASN C 138 -28.78 19.47 -35.50
CA ASN C 138 -29.70 19.98 -34.50
C ASN C 138 -31.05 19.32 -34.54
N PHE C 139 -31.10 18.02 -34.29
CA PHE C 139 -32.36 17.30 -34.22
C PHE C 139 -32.47 16.58 -32.89
N TYR C 140 -33.71 16.24 -32.54
CA TYR C 140 -34.01 15.51 -31.33
C TYR C 140 -35.35 14.83 -31.56
N PRO C 141 -35.52 13.56 -31.18
CA PRO C 141 -34.58 12.69 -30.46
C PRO C 141 -33.47 12.10 -31.31
N ARG C 142 -32.70 11.18 -30.74
CA ARG C 142 -31.51 10.68 -31.42
C ARG C 142 -31.85 9.71 -32.54
N GLU C 143 -32.94 8.96 -32.41
CA GLU C 143 -33.29 7.96 -33.40
C GLU C 143 -33.52 8.61 -34.76
N ALA C 144 -32.71 8.22 -35.74
CA ALA C 144 -32.81 8.76 -37.09
C ALA C 144 -32.35 7.70 -38.08
N LYS C 145 -32.81 7.82 -39.32
CA LYS C 145 -32.48 6.88 -40.37
C LYS C 145 -31.92 7.64 -41.58
N VAL C 146 -30.79 7.18 -42.09
CA VAL C 146 -30.14 7.81 -43.23
C VAL C 146 -29.89 6.73 -44.28
N GLN C 147 -30.24 7.03 -45.52
CA GLN C 147 -30.04 6.11 -46.65
C GLN C 147 -29.32 6.83 -47.78
N TRP C 148 -28.39 6.14 -48.41
CA TRP C 148 -27.62 6.67 -49.53
C TRP C 148 -28.10 6.06 -50.85
N LYS C 149 -28.22 6.90 -51.87
CA LYS C 149 -28.61 6.46 -53.20
C LYS C 149 -27.68 7.06 -54.24
N VAL C 150 -27.16 6.22 -55.13
CA VAL C 150 -26.31 6.65 -56.23
C VAL C 150 -27.02 6.25 -57.52
N ASP C 151 -27.32 7.24 -58.37
CA ASP C 151 -28.11 7.02 -59.57
C ASP C 151 -29.41 6.30 -59.24
N ASN C 152 -30.05 6.72 -58.15
CA ASN C 152 -31.29 6.17 -57.61
C ASN C 152 -31.15 4.73 -57.14
N ALA C 153 -29.93 4.21 -57.02
CA ALA C 153 -29.70 2.86 -56.51
C ALA C 153 -29.30 2.91 -55.04
N LEU C 154 -30.02 2.16 -54.20
CA LEU C 154 -29.76 2.16 -52.78
C LEU C 154 -28.38 1.59 -52.49
N GLN C 155 -27.62 2.28 -51.63
CA GLN C 155 -26.27 1.87 -51.28
C GLN C 155 -26.25 1.17 -49.92
N SER C 156 -25.35 0.20 -49.80
CA SER C 156 -25.18 -0.53 -48.55
C SER C 156 -23.74 -0.99 -48.41
N GLY C 157 -23.17 -0.81 -47.23
CA GLY C 157 -21.82 -1.23 -46.94
C GLY C 157 -20.73 -0.27 -47.37
N ASN C 158 -21.09 0.93 -47.85
CA ASN C 158 -20.11 1.90 -48.32
C ASN C 158 -20.29 3.26 -47.65
N SER C 159 -20.97 3.31 -46.51
CA SER C 159 -21.21 4.57 -45.82
C SER C 159 -21.07 4.35 -44.32
N GLN C 160 -20.73 5.43 -43.61
CA GLN C 160 -20.58 5.39 -42.17
C GLN C 160 -21.25 6.60 -41.56
N GLU C 161 -21.65 6.45 -40.30
CA GLU C 161 -22.36 7.50 -39.58
C GLU C 161 -21.60 7.88 -38.32
N SER C 162 -21.76 9.14 -37.91
CA SER C 162 -21.18 9.65 -36.68
C SER C 162 -22.13 10.68 -36.09
N VAL C 163 -22.43 10.55 -34.80
CA VAL C 163 -23.40 11.39 -34.11
C VAL C 163 -22.75 12.02 -32.89
N THR C 164 -22.94 13.32 -32.72
CA THR C 164 -22.46 14.02 -31.54
C THR C 164 -23.39 13.80 -30.36
N GLU C 165 -22.98 14.28 -29.19
CA GLU C 165 -23.80 14.20 -27.99
C GLU C 165 -24.90 15.25 -28.04
N GLN C 166 -25.70 15.29 -26.99
CA GLN C 166 -26.67 16.36 -26.85
C GLN C 166 -25.96 17.70 -26.74
N ASP C 167 -26.42 18.67 -27.52
CA ASP C 167 -25.80 19.99 -27.52
C ASP C 167 -26.03 20.68 -26.18
N SER C 168 -25.03 21.45 -25.74
CA SER C 168 -25.13 22.10 -24.45
C SER C 168 -26.13 23.26 -24.44
N LYS C 169 -26.56 23.73 -25.61
CA LYS C 169 -27.46 24.86 -25.70
C LYS C 169 -28.91 24.46 -25.96
N ASP C 170 -29.15 23.59 -26.93
CA ASP C 170 -30.51 23.23 -27.29
C ASP C 170 -30.79 21.74 -27.10
N SER C 171 -29.83 20.99 -26.57
CA SER C 171 -29.99 19.57 -26.27
C SER C 171 -30.35 18.74 -27.49
N THR C 172 -29.84 19.11 -28.65
CA THR C 172 -30.10 18.41 -29.89
C THR C 172 -28.88 17.60 -30.32
N TYR C 173 -29.09 16.75 -31.32
CA TYR C 173 -28.04 15.92 -31.88
C TYR C 173 -27.64 16.42 -33.27
N SER C 174 -26.40 16.14 -33.63
CA SER C 174 -25.90 16.36 -34.99
C SER C 174 -25.31 15.06 -35.50
N LEU C 175 -25.59 14.75 -36.75
CA LEU C 175 -25.15 13.50 -37.33
C LEU C 175 -24.54 13.78 -38.70
N SER C 176 -23.52 13.01 -39.06
CA SER C 176 -22.88 13.10 -40.35
C SER C 176 -22.74 11.71 -40.95
N SER C 177 -23.06 11.60 -42.23
CA SER C 177 -22.91 10.36 -42.98
C SER C 177 -22.03 10.62 -44.19
N THR C 178 -21.06 9.73 -44.42
CA THR C 178 -20.06 9.90 -45.45
C THR C 178 -20.08 8.71 -46.40
N LEU C 179 -20.18 9.00 -47.70
CA LEU C 179 -20.10 7.99 -48.74
C LEU C 179 -18.74 8.07 -49.44
N THR C 180 -18.07 6.93 -49.55
CA THR C 180 -16.73 6.86 -50.11
C THR C 180 -16.74 6.02 -51.39
N LEU C 181 -16.23 6.59 -52.48
CA LEU C 181 -16.11 5.90 -53.74
C LEU C 181 -14.81 6.30 -54.43
N SER C 182 -14.29 5.38 -55.24
CA SER C 182 -13.12 5.68 -56.04
C SER C 182 -13.47 6.65 -57.16
N LYS C 183 -12.45 7.32 -57.69
CA LYS C 183 -12.68 8.29 -58.76
C LYS C 183 -13.27 7.63 -60.00
N ALA C 184 -12.80 6.43 -60.32
CA ALA C 184 -13.36 5.70 -61.46
C ALA C 184 -14.83 5.39 -61.23
N ASP C 185 -15.18 4.89 -60.04
CA ASP C 185 -16.58 4.68 -59.70
C ASP C 185 -17.33 6.00 -59.61
N TYR C 186 -16.68 7.05 -59.09
CA TYR C 186 -17.31 8.36 -58.99
C TYR C 186 -17.65 8.92 -60.36
N GLU C 187 -16.74 8.77 -61.32
CA GLU C 187 -16.97 9.28 -62.67
C GLU C 187 -17.86 8.35 -63.50
N LYS C 188 -18.21 7.18 -62.99
CA LYS C 188 -19.16 6.28 -63.63
C LYS C 188 -20.59 6.56 -63.20
N HIS C 189 -20.80 7.56 -62.34
CA HIS C 189 -22.13 7.90 -61.88
C HIS C 189 -22.25 9.43 -61.82
N LYS C 190 -23.50 9.90 -61.86
CA LYS C 190 -23.77 11.33 -61.92
C LYS C 190 -24.56 11.84 -60.74
N VAL C 191 -25.58 11.12 -60.29
CA VAL C 191 -26.49 11.57 -59.24
C VAL C 191 -26.18 10.83 -57.95
N TYR C 192 -25.96 11.60 -56.88
CA TYR C 192 -25.75 11.05 -55.54
C TYR C 192 -26.73 11.72 -54.60
N ALA C 193 -27.48 10.91 -53.85
CA ALA C 193 -28.55 11.43 -53.00
C ALA C 193 -28.41 10.88 -51.59
N CYS C 194 -28.83 11.68 -50.62
CA CYS C 194 -28.86 11.30 -49.21
C CYS C 194 -30.28 11.49 -48.69
N GLU C 195 -30.85 10.46 -48.08
CA GLU C 195 -32.21 10.50 -47.56
C GLU C 195 -32.16 10.49 -46.04
N VAL C 196 -32.97 11.36 -45.42
CA VAL C 196 -33.01 11.51 -43.96
C VAL C 196 -34.41 11.20 -43.47
N THR C 197 -34.50 10.30 -42.50
CA THR C 197 -35.76 10.00 -41.82
C THR C 197 -35.62 10.31 -40.33
N HIS C 198 -36.56 11.08 -39.80
CA HIS C 198 -36.55 11.43 -38.38
C HIS C 198 -37.98 11.59 -37.90
N GLN C 199 -38.16 11.41 -36.59
CA GLN C 199 -39.47 11.59 -35.99
C GLN C 199 -39.98 13.01 -36.16
N GLY C 200 -39.10 14.01 -36.00
CA GLY C 200 -39.50 15.38 -36.17
C GLY C 200 -39.74 15.81 -37.59
N LEU C 201 -39.45 14.92 -38.55
CA LEU C 201 -39.71 15.18 -39.96
C LEU C 201 -40.98 14.47 -40.39
N SER C 202 -41.91 15.24 -40.98
CA SER C 202 -43.14 14.64 -41.49
C SER C 202 -42.87 13.67 -42.63
N SER C 203 -41.96 14.02 -43.53
CA SER C 203 -41.62 13.21 -44.68
C SER C 203 -40.10 13.17 -44.82
N PRO C 204 -39.55 12.09 -45.37
CA PRO C 204 -38.10 12.03 -45.57
C PRO C 204 -37.61 13.17 -46.44
N VAL C 205 -36.44 13.71 -46.09
CA VAL C 205 -35.83 14.83 -46.80
C VAL C 205 -34.63 14.30 -47.57
N THR C 206 -34.51 14.70 -48.84
CA THR C 206 -33.44 14.23 -49.70
C THR C 206 -32.67 15.41 -50.27
N LYS C 207 -31.34 15.35 -50.18
CA LYS C 207 -30.45 16.29 -50.83
C LYS C 207 -29.58 15.55 -51.83
N SER C 208 -29.38 16.15 -53.00
CA SER C 208 -28.64 15.50 -54.06
C SER C 208 -27.90 16.54 -54.89
N PHE C 209 -26.95 16.07 -55.70
CA PHE C 209 -26.19 16.90 -56.61
C PHE C 209 -25.79 16.07 -57.81
N ASN C 210 -25.31 16.74 -58.86
CA ASN C 210 -24.85 16.10 -60.07
C ASN C 210 -23.36 16.35 -60.26
N ARG C 211 -22.64 15.32 -60.66
CA ARG C 211 -21.20 15.40 -60.87
C ARG C 211 -20.86 16.39 -61.99
N GLU D 1 13.33 -4.06 6.56
CA GLU D 1 12.35 -4.37 7.58
C GLU D 1 11.20 -3.37 7.57
N VAL D 2 10.44 -3.34 8.66
CA VAL D 2 9.38 -2.35 8.81
C VAL D 2 9.99 -0.96 8.79
N GLN D 3 9.26 -0.01 8.23
CA GLN D 3 9.71 1.38 8.17
C GLN D 3 8.78 2.26 9.00
N LEU D 4 9.36 3.17 9.76
CA LEU D 4 8.63 4.05 10.64
C LEU D 4 8.86 5.50 10.22
N VAL D 5 7.76 6.26 10.12
CA VAL D 5 7.82 7.66 9.73
C VAL D 5 7.05 8.48 10.76
N GLN D 6 7.67 9.56 11.23
CA GLN D 6 7.09 10.42 12.26
C GLN D 6 6.62 11.72 11.63
N SER D 7 6.00 12.55 12.47
CA SER D 7 5.52 13.86 12.04
C SER D 7 6.70 14.84 12.01
N GLY D 8 6.41 16.11 11.72
CA GLY D 8 7.44 17.12 11.66
C GLY D 8 7.70 17.77 13.01
N ALA D 9 8.63 18.72 12.99
CA ALA D 9 9.00 19.41 14.20
C ALA D 9 7.84 20.25 14.73
N GLU D 10 7.87 20.52 16.03
CA GLU D 10 6.85 21.32 16.69
C GLU D 10 7.52 22.37 17.56
N VAL D 11 6.86 23.50 17.70
CA VAL D 11 7.26 24.53 18.64
C VAL D 11 6.06 24.85 19.52
N LYS D 12 6.24 24.79 20.83
CA LYS D 12 5.14 24.92 21.76
C LYS D 12 5.53 25.89 22.87
N GLU D 13 4.61 26.06 23.82
CA GLU D 13 4.78 26.91 24.98
C GLU D 13 4.53 26.11 26.25
N PRO D 14 5.11 26.51 27.38
CA PRO D 14 4.94 25.74 28.61
C PRO D 14 3.46 25.62 28.98
N GLY D 15 3.10 24.43 29.47
CA GLY D 15 1.73 24.16 29.87
C GLY D 15 0.83 23.66 28.76
N SER D 16 1.30 23.63 27.52
CA SER D 16 0.50 23.16 26.41
C SER D 16 0.67 21.65 26.26
N SER D 17 0.21 21.12 25.14
CA SER D 17 0.37 19.70 24.84
C SER D 17 0.79 19.54 23.39
N VAL D 18 1.46 18.43 23.12
CA VAL D 18 1.96 18.12 21.78
C VAL D 18 1.61 16.68 21.46
N LYS D 19 1.15 16.43 20.25
CA LYS D 19 0.81 15.10 19.77
C LYS D 19 1.73 14.75 18.62
N VAL D 20 2.47 13.64 18.75
CA VAL D 20 3.41 13.19 17.74
C VAL D 20 2.91 11.87 17.16
N SER D 21 2.89 11.79 15.84
CA SER D 21 2.43 10.59 15.15
C SER D 21 3.61 9.74 14.70
N CYS D 22 3.37 8.45 14.55
CA CYS D 22 4.39 7.52 14.09
C CYS D 22 3.69 6.46 13.26
N LYS D 23 3.80 6.57 11.94
CA LYS D 23 3.10 5.68 11.03
C LYS D 23 4.02 4.51 10.66
N ALA D 24 3.57 3.30 10.97
CA ALA D 24 4.34 2.10 10.70
C ALA D 24 4.09 1.66 9.27
N SER D 25 5.16 1.34 8.53
CA SER D 25 4.99 0.84 7.17
C SER D 25 4.13 -0.41 7.16
N GLY D 26 4.22 -1.21 8.20
CA GLY D 26 3.38 -2.38 8.36
C GLY D 26 4.20 -3.66 8.38
N GLY D 27 3.52 -4.73 8.78
CA GLY D 27 4.13 -6.04 8.79
C GLY D 27 3.81 -6.88 10.00
N SER D 28 3.68 -6.26 11.17
CA SER D 28 3.14 -6.99 12.32
C SER D 28 2.36 -6.07 13.25
N PHE D 29 1.63 -5.12 12.69
CA PHE D 29 0.92 -4.17 13.54
C PHE D 29 -0.13 -4.89 14.37
N SER D 30 -0.51 -4.27 15.48
CA SER D 30 -1.45 -4.75 16.48
C SER D 30 -0.87 -5.83 17.37
N THR D 31 0.34 -6.31 17.12
CA THR D 31 1.01 -7.22 18.02
C THR D 31 2.46 -6.85 18.31
N SER D 32 2.99 -5.81 17.68
CA SER D 32 4.35 -5.37 17.91
C SER D 32 4.32 -4.09 18.74
N GLY D 33 5.07 -4.07 19.83
CA GLY D 33 5.13 -2.90 20.68
C GLY D 33 5.79 -1.74 19.97
N ILE D 34 5.24 -0.55 20.11
CA ILE D 34 5.83 0.67 19.55
C ILE D 34 6.28 1.50 20.75
N SER D 35 7.57 1.46 21.04
CA SER D 35 8.11 2.19 22.18
C SER D 35 8.51 3.61 21.77
N TRP D 36 8.38 4.52 22.72
CA TRP D 36 8.74 5.92 22.51
C TRP D 36 9.97 6.25 23.35
N VAL D 37 11.02 6.73 22.70
CA VAL D 37 12.28 7.06 23.35
C VAL D 37 12.58 8.52 23.05
N ARG D 38 12.90 9.28 24.10
CA ARG D 38 13.23 10.68 23.97
C ARG D 38 14.69 10.91 24.31
N GLN D 39 15.27 11.95 23.73
CA GLN D 39 16.69 12.25 23.90
C GLN D 39 16.87 13.75 24.04
N ALA D 40 17.15 14.21 25.24
CA ALA D 40 17.40 15.64 25.45
C ALA D 40 18.67 16.04 24.73
N PRO D 41 18.76 17.30 24.29
CA PRO D 41 19.94 17.74 23.52
C PRO D 41 21.20 17.62 24.36
N GLY D 42 22.18 16.89 23.82
CA GLY D 42 23.42 16.69 24.54
C GLY D 42 23.30 15.80 25.75
N GLN D 43 22.26 14.98 25.82
CA GLN D 43 22.03 14.09 26.95
C GLN D 43 21.86 12.66 26.46
N GLY D 44 21.59 11.76 27.39
CA GLY D 44 21.40 10.36 27.04
C GLY D 44 19.99 10.05 26.63
N LEU D 45 19.81 8.85 26.09
CA LEU D 45 18.50 8.39 25.71
C LEU D 45 17.66 8.09 26.95
N GLU D 46 16.35 8.05 26.75
CA GLU D 46 15.43 7.82 27.86
C GLU D 46 14.15 7.21 27.33
N TRP D 47 13.69 6.14 27.97
CA TRP D 47 12.54 5.39 27.51
C TRP D 47 11.28 5.93 28.18
N MET D 48 10.30 6.32 27.37
CA MET D 48 9.09 6.94 27.89
C MET D 48 8.00 5.90 28.16
N GLY D 49 7.60 5.16 27.13
CA GLY D 49 6.56 4.17 27.30
C GLY D 49 6.43 3.32 26.06
N VAL D 50 5.56 2.32 26.16
CA VAL D 50 5.32 1.39 25.07
C VAL D 50 3.82 1.19 24.92
N ILE D 51 3.40 0.87 23.69
CA ILE D 51 2.03 0.46 23.44
C ILE D 51 2.06 -0.74 22.52
N ILE D 52 1.21 -1.73 22.82
CA ILE D 52 0.91 -2.80 21.89
C ILE D 52 -0.53 -2.59 21.40
N PRO D 53 -0.75 -2.25 20.14
CA PRO D 53 -2.03 -1.65 19.74
C PRO D 53 -3.25 -2.47 20.10
N ILE D 54 -3.15 -3.80 20.07
CA ILE D 54 -4.32 -4.61 20.40
C ILE D 54 -4.70 -4.48 21.87
N GLN D 55 -3.76 -4.10 22.73
CA GLN D 55 -4.10 -3.86 24.12
C GLN D 55 -5.00 -2.64 24.27
N GLY D 56 -4.78 -1.63 23.43
CA GLY D 56 -5.60 -0.43 23.45
C GLY D 56 -5.02 0.66 24.31
N THR D 57 -4.52 0.31 25.48
CA THR D 57 -3.91 1.27 26.39
C THR D 57 -2.41 1.31 26.16
N GLY D 58 -1.70 2.04 27.01
CA GLY D 58 -0.25 2.14 26.91
C GLY D 58 0.40 2.16 28.26
N ASN D 59 1.58 1.55 28.38
CA ASN D 59 2.30 1.49 29.64
C ASN D 59 3.51 2.41 29.60
N TYR D 60 3.75 3.10 30.71
CA TYR D 60 4.71 4.20 30.74
C TYR D 60 5.70 3.99 31.88
N ALA D 61 6.84 4.66 31.76
CA ALA D 61 7.84 4.62 32.80
C ALA D 61 7.33 5.36 34.04
N GLN D 62 7.96 5.08 35.18
CA GLN D 62 7.53 5.69 36.43
C GLN D 62 8.15 7.09 36.56
N LYS D 63 8.23 7.78 35.43
CA LYS D 63 8.67 9.17 35.37
C LYS D 63 7.80 10.02 34.47
N PHE D 64 7.03 9.42 33.56
CA PHE D 64 6.10 10.14 32.72
C PHE D 64 4.66 9.78 33.03
N GLN D 65 4.41 8.99 34.05
CA GLN D 65 3.05 8.60 34.40
C GLN D 65 2.24 9.84 34.76
N GLY D 66 1.04 9.93 34.18
CA GLY D 66 0.15 11.03 34.44
C GLY D 66 0.21 12.16 33.43
N ARG D 67 1.24 12.20 32.59
CA ARG D 67 1.31 13.28 31.61
C ARG D 67 1.72 12.79 30.22
N VAL D 68 1.76 11.48 29.98
CA VAL D 68 1.99 10.92 28.66
C VAL D 68 0.88 9.94 28.37
N THR D 69 0.25 10.09 27.21
CA THR D 69 -0.79 9.17 26.74
C THR D 69 -0.38 8.64 25.38
N ILE D 70 -0.34 7.32 25.24
CA ILE D 70 0.01 6.69 23.98
C ILE D 70 -1.22 5.95 23.48
N THR D 71 -1.61 6.22 22.24
CA THR D 71 -2.77 5.59 21.62
C THR D 71 -2.39 5.17 20.20
N ALA D 72 -3.17 4.22 19.68
CA ALA D 72 -2.91 3.64 18.36
C ALA D 72 -4.16 3.74 17.49
N ASP D 73 -3.96 4.13 16.24
CA ASP D 73 -5.01 4.11 15.23
C ASP D 73 -4.74 2.91 14.33
N GLU D 74 -5.48 1.83 14.58
CA GLU D 74 -5.23 0.58 13.85
C GLU D 74 -5.52 0.74 12.36
N SER D 75 -6.57 1.48 12.02
CA SER D 75 -6.96 1.64 10.62
C SER D 75 -5.84 2.31 9.82
N THR D 76 -5.25 3.36 10.37
CA THR D 76 -4.19 4.09 9.69
C THR D 76 -2.80 3.56 10.00
N THR D 77 -2.68 2.55 10.87
CA THR D 77 -1.40 2.00 11.30
C THR D 77 -0.48 3.10 11.81
N THR D 78 -1.03 3.96 12.65
CA THR D 78 -0.30 5.09 13.22
C THR D 78 -0.43 5.07 14.73
N VAL D 79 0.66 5.42 15.41
CA VAL D 79 0.71 5.49 16.87
C VAL D 79 0.92 6.93 17.27
N TYR D 80 0.10 7.42 18.19
CA TYR D 80 0.16 8.80 18.64
C TYR D 80 0.59 8.87 20.10
N MET D 81 1.52 9.76 20.40
CA MET D 81 1.93 10.06 21.76
C MET D 81 1.60 11.52 22.06
N GLU D 82 0.85 11.74 23.13
CA GLU D 82 0.44 13.09 23.52
C GLU D 82 1.09 13.40 24.86
N LEU D 83 2.06 14.30 24.83
CA LEU D 83 2.77 14.73 26.03
C LEU D 83 2.20 16.07 26.47
N SER D 84 1.42 16.07 27.54
CA SER D 84 0.76 17.26 28.04
C SER D 84 1.58 17.90 29.16
N SER D 85 1.24 19.15 29.46
CA SER D 85 1.94 19.93 30.49
C SER D 85 3.43 20.04 30.18
N LEU D 86 3.72 20.53 28.98
CA LEU D 86 5.11 20.70 28.57
C LEU D 86 5.82 21.72 29.44
N ARG D 87 7.12 21.52 29.61
CA ARG D 87 7.96 22.43 30.38
C ARG D 87 9.25 22.63 29.61
N SER D 88 10.22 23.32 30.23
CA SER D 88 11.49 23.55 29.56
C SER D 88 12.27 22.26 29.37
N ASP D 89 12.11 21.30 30.28
CA ASP D 89 12.88 20.06 30.24
C ASP D 89 12.31 19.04 29.26
N ASP D 90 11.31 19.40 28.46
CA ASP D 90 10.76 18.49 27.47
C ASP D 90 11.24 18.80 26.06
N THR D 91 12.22 19.69 25.94
CA THR D 91 12.83 19.97 24.64
C THR D 91 13.75 18.81 24.32
N ALA D 92 13.39 18.03 23.31
CA ALA D 92 14.16 16.82 23.00
C ALA D 92 13.68 16.25 21.68
N LEU D 93 14.49 15.36 21.12
CA LEU D 93 14.06 14.52 20.02
C LEU D 93 13.24 13.36 20.56
N TYR D 94 12.14 13.05 19.90
CA TYR D 94 11.26 11.96 20.33
C TYR D 94 11.23 10.91 19.23
N TYR D 95 11.83 9.76 19.50
CA TYR D 95 11.83 8.66 18.55
C TYR D 95 10.69 7.70 18.87
N CYS D 96 10.17 7.07 17.83
CA CYS D 96 9.32 5.90 17.97
C CYS D 96 10.08 4.70 17.43
N ALA D 97 10.05 3.61 18.18
CA ALA D 97 10.82 2.43 17.84
C ALA D 97 9.97 1.19 18.08
N ARG D 98 10.32 0.11 17.40
CA ARG D 98 9.54 -1.12 17.44
C ARG D 98 10.30 -2.18 18.23
N ASP D 99 9.58 -2.91 19.08
CA ASP D 99 10.16 -3.96 19.90
C ASP D 99 10.20 -5.28 19.12
N GLN D 100 11.13 -6.15 19.52
CA GLN D 100 11.26 -7.45 18.88
C GLN D 100 11.03 -8.61 19.82
N HIS D 101 11.84 -8.73 20.89
CA HIS D 101 11.67 -9.74 21.93
C HIS D 101 11.69 -11.16 21.36
N ILE D 102 12.89 -11.61 21.02
CA ILE D 102 13.12 -13.01 20.71
C ILE D 102 13.63 -13.70 21.97
N TYR D 103 12.90 -14.72 22.43
CA TYR D 103 13.22 -15.49 23.61
C TYR D 103 13.19 -16.97 23.24
N ASP D 104 14.21 -17.72 23.66
CA ASP D 104 14.29 -19.10 23.16
C ASP D 104 13.43 -20.05 23.99
N SER D 105 13.86 -20.38 25.22
CA SER D 105 12.98 -21.14 26.09
C SER D 105 13.18 -20.89 27.58
N SER D 106 14.13 -20.05 27.99
CA SER D 106 14.41 -19.89 29.40
C SER D 106 14.61 -18.44 29.84
N GLY D 107 14.71 -17.51 28.90
CA GLY D 107 15.01 -16.13 29.24
C GLY D 107 16.16 -15.62 28.41
N HIS D 108 16.78 -16.50 27.63
CA HIS D 108 17.85 -16.07 26.76
C HIS D 108 17.28 -15.22 25.62
N GLY D 109 18.02 -14.18 25.25
CA GLY D 109 17.53 -13.25 24.24
C GLY D 109 16.61 -12.22 24.84
N GLY D 110 16.65 -11.01 24.31
CA GLY D 110 15.85 -9.94 24.88
C GLY D 110 15.17 -9.04 23.89
N LEU D 111 14.64 -7.91 24.35
CA LEU D 111 14.03 -6.94 23.47
C LEU D 111 15.09 -5.97 22.95
N TRP D 112 14.81 -5.43 21.76
CA TRP D 112 15.63 -4.37 21.20
C TRP D 112 14.76 -3.59 20.24
N PHE D 113 15.18 -2.37 19.92
CA PHE D 113 14.41 -1.48 19.07
C PHE D 113 15.08 -1.44 17.71
N ASP D 114 14.65 -2.31 16.79
CA ASP D 114 15.38 -2.41 15.54
C ASP D 114 15.05 -1.25 14.59
N PRO D 115 13.79 -0.98 14.24
CA PRO D 115 13.52 0.21 13.44
C PRO D 115 13.27 1.42 14.30
N TRP D 116 13.77 2.58 13.89
CA TRP D 116 13.52 3.83 14.61
C TRP D 116 13.00 4.87 13.63
N GLY D 117 12.15 5.76 14.12
CA GLY D 117 11.73 6.90 13.32
C GLY D 117 12.84 7.90 13.15
N GLN D 118 12.64 8.84 12.22
CA GLN D 118 13.65 9.85 11.98
C GLN D 118 13.80 10.83 13.14
N GLY D 119 12.83 10.91 14.04
CA GLY D 119 12.91 11.85 15.15
C GLY D 119 12.02 13.05 14.95
N THR D 120 11.35 13.48 16.02
CA THR D 120 10.44 14.62 15.98
C THR D 120 10.93 15.66 16.97
N LEU D 121 11.71 16.61 16.50
CA LEU D 121 12.26 17.62 17.38
C LEU D 121 11.14 18.50 17.93
N VAL D 122 10.93 18.45 19.24
CA VAL D 122 9.90 19.22 19.92
C VAL D 122 10.59 20.25 20.80
N THR D 123 10.34 21.53 20.54
CA THR D 123 10.99 22.62 21.24
C THR D 123 9.94 23.39 22.04
N VAL D 124 10.22 23.59 23.33
CA VAL D 124 9.35 24.34 24.21
C VAL D 124 10.00 25.68 24.48
N SER D 125 9.30 26.76 24.15
CA SER D 125 9.84 28.09 24.39
C SER D 125 8.74 29.11 24.65
N SER D 126 9.11 30.39 24.67
CA SER D 126 8.15 31.46 24.94
C SER D 126 8.41 32.65 24.01
N ALA D 127 8.90 32.39 22.81
CA ALA D 127 9.26 33.45 21.89
C ALA D 127 8.89 33.04 20.47
N SER D 128 8.42 34.00 19.69
CA SER D 128 8.03 33.71 18.31
C SER D 128 9.22 33.85 17.38
N THR D 129 8.98 33.66 16.08
CA THR D 129 10.04 33.77 15.09
C THR D 129 10.61 35.18 15.10
N LYS D 130 11.94 35.27 15.13
CA LYS D 130 12.63 36.56 15.16
C LYS D 130 13.82 36.51 14.22
N GLY D 131 14.06 37.62 13.52
CA GLY D 131 15.19 37.71 12.63
C GLY D 131 16.48 37.86 13.39
N PRO D 132 17.55 37.27 12.87
CA PRO D 132 18.85 37.39 13.51
C PRO D 132 19.52 38.71 13.21
N SER D 133 20.18 39.26 14.23
CA SER D 133 21.02 40.43 14.06
C SER D 133 22.45 39.98 13.81
N VAL D 134 22.97 40.33 12.64
CA VAL D 134 24.27 39.85 12.19
C VAL D 134 25.27 40.98 12.39
N PHE D 135 26.25 40.75 13.25
CA PHE D 135 27.29 41.72 13.48
C PHE D 135 28.63 41.16 13.02
N PRO D 136 29.49 41.99 12.44
CA PRO D 136 30.75 41.48 11.91
C PRO D 136 31.77 41.24 13.00
N LEU D 137 32.38 40.07 12.96
CA LEU D 137 33.53 39.73 13.80
C LEU D 137 34.76 40.09 12.98
N ALA D 138 34.98 41.39 12.83
CA ALA D 138 35.96 41.88 11.88
C ALA D 138 37.38 41.45 12.28
N PRO D 139 38.18 40.98 11.33
CA PRO D 139 39.56 40.62 11.66
C PRO D 139 40.35 41.83 12.13
N SER D 140 41.23 41.61 13.10
CA SER D 140 42.03 42.69 13.66
C SER D 140 43.32 42.10 14.23
N SER D 141 44.08 42.94 14.92
CA SER D 141 45.34 42.53 15.53
C SER D 141 45.10 41.63 16.72
N THR D 148 47.90 33.42 10.29
CA THR D 148 46.52 33.31 9.83
C THR D 148 45.64 34.36 10.47
N ALA D 149 44.56 34.73 9.79
CA ALA D 149 43.62 35.72 10.28
C ALA D 149 42.27 35.07 10.55
N ALA D 150 41.66 35.42 11.67
CA ALA D 150 40.37 34.88 12.08
C ALA D 150 39.29 35.94 11.95
N LEU D 151 38.20 35.59 11.27
CA LEU D 151 37.07 36.49 11.12
C LEU D 151 35.80 35.68 11.06
N GLY D 152 34.68 36.35 11.32
CA GLY D 152 33.41 35.66 11.34
C GLY D 152 32.25 36.62 11.42
N CYS D 153 31.08 36.07 11.67
CA CYS D 153 29.85 36.86 11.82
C CYS D 153 29.04 36.30 12.96
N LEU D 154 28.74 37.14 13.94
CA LEU D 154 27.98 36.73 15.10
C LEU D 154 26.49 36.81 14.78
N VAL D 155 25.84 35.66 14.77
CA VAL D 155 24.41 35.55 14.52
C VAL D 155 23.73 35.49 15.87
N LYS D 156 23.11 36.60 16.27
CA LYS D 156 22.62 36.78 17.63
C LYS D 156 21.10 37.00 17.62
N ASP D 157 20.44 36.49 18.66
CA ASP D 157 19.05 36.77 18.95
C ASP D 157 18.11 36.37 17.82
N TYR D 158 18.09 35.07 17.50
CA TYR D 158 17.17 34.54 16.51
C TYR D 158 16.43 33.35 17.11
N PHE D 159 15.32 32.99 16.46
CA PHE D 159 14.53 31.84 16.88
C PHE D 159 13.62 31.44 15.73
N PRO D 160 13.39 30.15 15.50
CA PRO D 160 14.04 29.00 16.14
C PRO D 160 15.21 28.54 15.30
N GLU D 161 15.85 27.43 15.66
CA GLU D 161 16.92 26.90 14.86
C GLU D 161 16.36 26.34 13.56
N PRO D 162 17.19 26.22 12.52
CA PRO D 162 18.62 26.52 12.44
C PRO D 162 18.96 27.78 11.67
N VAL D 163 20.21 28.22 11.75
CA VAL D 163 20.75 29.27 10.90
C VAL D 163 21.93 28.70 10.13
N THR D 164 21.91 28.87 8.81
CA THR D 164 22.97 28.38 7.95
C THR D 164 23.84 29.53 7.50
N VAL D 165 25.15 29.33 7.59
CA VAL D 165 26.12 30.37 7.28
C VAL D 165 27.07 29.84 6.23
N SER D 166 27.26 30.60 5.16
CA SER D 166 28.25 30.30 4.14
C SER D 166 29.09 31.55 3.88
N TRP D 167 30.26 31.34 3.29
CA TRP D 167 31.21 32.41 3.06
C TRP D 167 31.48 32.57 1.56
N ASN D 168 31.39 33.82 1.10
CA ASN D 168 31.60 34.15 -0.31
C ASN D 168 30.76 33.26 -1.22
N SER D 169 29.48 33.11 -0.86
CA SER D 169 28.51 32.33 -1.60
C SER D 169 28.95 30.88 -1.77
N GLY D 170 29.59 30.32 -0.75
CA GLY D 170 30.04 28.95 -0.79
C GLY D 170 31.41 28.75 -1.39
N ALA D 171 32.02 29.79 -1.94
CA ALA D 171 33.35 29.65 -2.51
C ALA D 171 34.40 29.40 -1.45
N LEU D 172 34.12 29.75 -0.20
CA LEU D 172 35.06 29.57 0.91
C LEU D 172 34.48 28.53 1.85
N THR D 173 35.15 27.38 1.94
CA THR D 173 34.69 26.29 2.80
C THR D 173 35.79 25.81 3.72
N SER D 174 37.04 25.89 3.27
CA SER D 174 38.15 25.44 4.09
C SER D 174 38.36 26.37 5.28
N GLY D 175 38.60 25.79 6.45
CA GLY D 175 38.81 26.57 7.65
C GLY D 175 37.56 27.16 8.25
N VAL D 176 36.38 26.78 7.76
CA VAL D 176 35.11 27.31 8.25
C VAL D 176 34.62 26.44 9.38
N HIS D 177 34.29 27.07 10.52
CA HIS D 177 33.73 26.39 11.67
C HIS D 177 32.46 27.12 12.08
N THR D 178 31.35 26.38 12.12
CA THR D 178 30.08 26.91 12.57
C THR D 178 29.70 26.24 13.88
N PHE D 179 29.84 26.97 14.97
CA PHE D 179 29.59 26.40 16.28
C PHE D 179 28.10 26.12 16.47
N PRO D 180 27.76 25.12 17.28
CA PRO D 180 26.35 24.87 17.57
C PRO D 180 25.72 26.07 18.28
N ALA D 181 24.43 26.28 18.04
CA ALA D 181 23.72 27.36 18.69
C ALA D 181 23.61 27.11 20.19
N VAL D 182 23.68 28.19 20.96
CA VAL D 182 23.52 28.13 22.42
C VAL D 182 22.22 28.80 22.79
N LEU D 183 21.59 28.28 23.84
CA LEU D 183 20.30 28.81 24.30
C LEU D 183 20.56 29.89 25.34
N GLN D 184 20.39 31.15 24.95
CA GLN D 184 20.56 32.27 25.85
C GLN D 184 19.42 32.33 26.84
N SER D 185 19.65 33.07 27.93
CA SER D 185 18.63 33.20 28.98
C SER D 185 17.35 33.83 28.46
N SER D 186 17.41 34.62 27.40
CA SER D 186 16.24 35.27 26.84
C SER D 186 15.37 34.31 26.04
N GLY D 187 15.81 33.08 25.81
CA GLY D 187 15.08 32.16 24.98
C GLY D 187 15.42 32.23 23.51
N LEU D 188 16.29 33.14 23.11
CA LEU D 188 16.74 33.21 21.72
C LEU D 188 18.04 32.47 21.55
N TYR D 189 18.23 31.92 20.35
CA TYR D 189 19.45 31.20 20.02
C TYR D 189 20.48 32.16 19.46
N SER D 190 21.73 31.77 19.59
CA SER D 190 22.85 32.58 19.13
C SER D 190 24.01 31.66 18.80
N LEU D 191 24.64 31.93 17.66
CA LEU D 191 25.78 31.14 17.25
C LEU D 191 26.76 32.06 16.54
N SER D 192 27.98 31.58 16.40
CA SER D 192 29.01 32.27 15.65
C SER D 192 29.57 31.31 14.62
N SER D 193 30.00 31.85 13.49
CA SER D 193 30.71 31.09 12.49
C SER D 193 31.97 31.86 12.13
N VAL D 194 33.11 31.20 12.20
CA VAL D 194 34.39 31.84 11.93
C VAL D 194 35.13 31.04 10.89
N VAL D 195 36.11 31.68 10.26
CA VAL D 195 36.93 31.05 9.25
C VAL D 195 38.33 31.67 9.31
N THR D 196 39.33 30.82 9.16
CA THR D 196 40.71 31.26 9.18
C THR D 196 41.19 31.47 7.75
N VAL D 197 41.69 32.67 7.49
CA VAL D 197 42.19 33.04 6.17
C VAL D 197 43.57 33.68 6.33
N PRO D 198 44.40 33.65 5.29
CA PRO D 198 45.70 34.35 5.37
C PRO D 198 45.49 35.84 5.63
N SER D 199 46.21 36.36 6.62
CA SER D 199 46.09 37.77 6.98
C SER D 199 46.69 38.70 5.94
N SER D 200 47.57 38.19 5.08
CA SER D 200 48.23 39.03 4.10
C SER D 200 47.28 39.54 3.02
N SER D 201 46.13 38.88 2.83
CA SER D 201 45.24 39.20 1.73
C SER D 201 43.94 39.85 2.21
N LEU D 202 43.94 40.42 3.41
CA LEU D 202 42.74 41.09 3.91
C LEU D 202 42.38 42.32 3.09
N GLY D 203 43.36 43.11 2.68
CA GLY D 203 43.07 44.32 1.93
C GLY D 203 42.73 44.12 0.48
N THR D 204 42.86 42.89 -0.03
CA THR D 204 42.56 42.59 -1.42
C THR D 204 41.42 41.60 -1.60
N GLN D 205 41.19 40.70 -0.66
CA GLN D 205 40.10 39.74 -0.76
C GLN D 205 38.87 40.25 -0.04
N THR D 206 37.72 39.91 -0.60
CA THR D 206 36.43 40.30 -0.03
C THR D 206 35.81 39.10 0.66
N TYR D 207 35.48 39.26 1.93
CA TYR D 207 34.87 38.20 2.72
C TYR D 207 33.50 38.65 3.19
N ILE D 208 32.46 38.02 2.66
CA ILE D 208 31.09 38.34 2.98
C ILE D 208 30.41 37.07 3.49
N CYS D 209 29.85 37.14 4.68
CA CYS D 209 29.15 36.00 5.27
C CYS D 209 27.70 35.99 4.83
N ASN D 210 27.25 34.85 4.37
CA ASN D 210 25.90 34.69 3.81
C ASN D 210 25.02 34.07 4.89
N VAL D 211 24.41 34.90 5.72
CA VAL D 211 23.58 34.46 6.83
C VAL D 211 22.18 34.18 6.28
N ASN D 212 21.65 33.01 6.58
CA ASN D 212 20.34 32.59 6.09
C ASN D 212 19.54 32.02 7.25
N HIS D 213 18.53 32.76 7.70
CA HIS D 213 17.59 32.29 8.72
C HIS D 213 16.26 32.07 8.01
N LYS D 214 16.05 30.85 7.52
CA LYS D 214 14.85 30.56 6.75
C LYS D 214 13.55 30.81 7.51
N PRO D 215 13.40 30.46 8.78
CA PRO D 215 12.12 30.72 9.47
C PRO D 215 11.68 32.17 9.43
N SER D 216 12.61 33.13 9.53
CA SER D 216 12.27 34.54 9.43
C SER D 216 12.57 35.12 8.06
N ASN D 217 13.06 34.29 7.12
CA ASN D 217 13.34 34.72 5.75
C ASN D 217 14.30 35.90 5.71
N THR D 218 15.28 35.88 6.61
CA THR D 218 16.29 36.92 6.67
C THR D 218 17.57 36.42 6.01
N LYS D 219 18.06 37.18 5.04
CA LYS D 219 19.32 36.88 4.38
C LYS D 219 20.17 38.14 4.40
N VAL D 220 21.27 38.12 5.14
CA VAL D 220 22.15 39.26 5.27
C VAL D 220 23.51 38.88 4.72
N ASP D 221 23.98 39.64 3.74
CA ASP D 221 25.33 39.50 3.21
C ASP D 221 26.17 40.63 3.77
N LYS D 222 26.86 40.37 4.87
CA LYS D 222 27.65 41.38 5.56
C LYS D 222 29.11 41.23 5.15
N ARG D 223 29.65 42.27 4.53
CA ARG D 223 31.05 42.27 4.12
C ARG D 223 31.92 42.49 5.34
N VAL D 224 32.74 41.49 5.66
CA VAL D 224 33.61 41.53 6.83
C VAL D 224 34.92 42.17 6.42
N GLU D 225 35.16 43.38 6.91
CA GLU D 225 36.35 44.16 6.57
C GLU D 225 37.00 44.71 7.82
N PRO D 226 38.31 44.90 7.81
CA PRO D 226 39.00 45.45 8.99
C PRO D 226 38.50 46.85 9.33
N LYS D 227 38.46 47.14 10.63
CA LYS D 227 37.98 48.43 11.11
C LYS D 227 39.08 49.49 11.05
N ALA E 1 13.39 0.14 38.02
CA ALA E 1 14.24 0.68 39.06
C ALA E 1 15.65 0.11 38.97
N ILE E 2 15.98 -0.42 37.79
CA ILE E 2 17.31 -0.93 37.52
C ILE E 2 18.07 0.13 36.73
N ARG E 3 19.27 0.47 37.20
CA ARG E 3 20.10 1.48 36.57
C ARG E 3 21.31 0.81 35.91
N MET E 4 21.81 1.45 34.86
CA MET E 4 22.97 0.96 34.14
C MET E 4 24.08 2.00 34.23
N THR E 5 25.31 1.53 34.42
CA THR E 5 26.46 2.40 34.52
C THR E 5 27.50 2.00 33.49
N GLN E 6 27.81 2.91 32.57
CA GLN E 6 28.85 2.69 31.57
C GLN E 6 30.17 3.24 32.07
N SER E 7 31.24 2.80 31.40
CA SER E 7 32.58 3.30 31.68
C SER E 7 33.51 2.88 30.55
N PRO E 8 34.33 3.78 30.02
CA PRO E 8 34.41 5.20 30.37
C PRO E 8 33.33 5.99 29.65
N SER E 9 33.21 7.28 29.91
CA SER E 9 32.26 8.11 29.18
C SER E 9 32.79 8.59 27.84
N SER E 10 34.11 8.67 27.70
CA SER E 10 34.71 9.14 26.45
C SER E 10 36.12 8.59 26.38
N LEU E 11 36.39 7.75 25.38
CA LEU E 11 37.69 7.15 25.18
C LEU E 11 38.25 7.57 23.83
N SER E 12 39.57 7.62 23.74
CA SER E 12 40.26 7.91 22.49
C SER E 12 40.93 6.64 21.97
N ALA E 13 40.74 6.37 20.68
CA ALA E 13 41.31 5.19 20.06
C ALA E 13 41.54 5.47 18.58
N SER E 14 42.57 4.86 18.02
CA SER E 14 42.92 5.01 16.62
C SER E 14 42.30 3.88 15.80
N VAL E 15 42.41 4.02 14.47
CA VAL E 15 41.82 3.04 13.58
C VAL E 15 42.51 1.70 13.74
N GLY E 16 41.72 0.64 13.83
CA GLY E 16 42.26 -0.70 13.93
C GLY E 16 42.59 -1.17 15.32
N ASP E 17 42.47 -0.30 16.32
CA ASP E 17 42.78 -0.68 17.69
C ASP E 17 41.66 -1.51 18.29
N ARG E 18 41.83 -1.88 19.55
CA ARG E 18 40.84 -2.65 20.30
C ARG E 18 40.19 -1.73 21.33
N VAL E 19 38.86 -1.71 21.33
CA VAL E 19 38.08 -0.84 22.20
C VAL E 19 37.23 -1.70 23.11
N THR E 20 37.26 -1.40 24.40
CA THR E 20 36.50 -2.13 25.40
C THR E 20 35.59 -1.17 26.15
N ILE E 21 34.30 -1.50 26.19
CA ILE E 21 33.29 -0.71 26.90
C ILE E 21 32.58 -1.62 27.88
N THR E 22 32.42 -1.17 29.11
CA THR E 22 31.78 -1.96 30.15
C THR E 22 30.44 -1.35 30.52
N CYS E 23 29.46 -2.21 30.78
CA CYS E 23 28.12 -1.79 31.18
C CYS E 23 27.70 -2.66 32.34
N ARG E 24 27.43 -2.04 33.48
CA ARG E 24 27.15 -2.76 34.72
C ARG E 24 25.76 -2.39 35.22
N ALA E 25 25.04 -3.39 35.71
CA ALA E 25 23.67 -3.22 36.17
C ALA E 25 23.60 -3.22 37.69
N SER E 26 22.63 -2.49 38.23
CA SER E 26 22.46 -2.43 39.68
C SER E 26 22.09 -3.79 40.23
N GLN E 27 21.23 -4.53 39.55
CA GLN E 27 20.90 -5.89 39.92
C GLN E 27 20.84 -6.73 38.65
N SER E 28 20.74 -8.05 38.83
CA SER E 28 20.84 -8.98 37.71
C SER E 28 19.72 -8.75 36.70
N ILE E 29 20.10 -8.73 35.42
CA ILE E 29 19.16 -8.54 34.32
C ILE E 29 19.19 -9.73 33.36
N SER E 30 19.70 -10.87 33.82
CA SER E 30 19.90 -12.04 32.97
C SER E 30 20.73 -11.70 31.74
N SER E 31 20.17 -11.90 30.56
CA SER E 31 20.87 -11.65 29.31
C SER E 31 20.10 -10.65 28.46
N TYR E 32 19.34 -9.77 29.11
CA TYR E 32 18.47 -8.82 28.43
C TYR E 32 19.16 -7.49 28.20
N LEU E 33 20.40 -7.51 27.72
CA LEU E 33 21.16 -6.30 27.46
C LEU E 33 21.26 -6.08 25.96
N ASN E 34 21.27 -4.81 25.55
CA ASN E 34 21.45 -4.43 24.16
C ASN E 34 22.54 -3.39 24.06
N TRP E 35 23.10 -3.24 22.87
CA TRP E 35 24.04 -2.17 22.58
C TRP E 35 23.57 -1.41 21.35
N TYR E 36 23.55 -0.08 21.46
CA TYR E 36 23.12 0.78 20.37
C TYR E 36 24.27 1.68 19.95
N GLN E 37 24.31 2.01 18.68
CA GLN E 37 25.28 2.95 18.13
C GLN E 37 24.52 4.12 17.53
N GLN E 38 24.92 5.33 17.90
CA GLN E 38 24.29 6.54 17.40
C GLN E 38 25.34 7.44 16.78
N LYS E 39 25.12 7.84 15.60
CA LYS E 39 25.96 8.84 14.97
C LYS E 39 25.26 10.18 14.96
N PRO E 40 25.99 11.29 14.95
CA PRO E 40 25.35 12.60 15.07
C PRO E 40 24.30 12.83 14.00
N GLY E 41 23.18 13.40 14.41
CA GLY E 41 22.11 13.73 13.49
C GLY E 41 21.32 12.54 12.99
N LYS E 42 21.50 11.36 13.57
CA LYS E 42 20.84 10.16 13.09
C LYS E 42 20.26 9.39 14.27
N ALA E 43 19.29 8.55 13.98
CA ALA E 43 18.69 7.71 14.99
C ALA E 43 19.63 6.59 15.40
N PRO E 44 19.52 6.10 16.63
CA PRO E 44 20.38 4.99 17.06
C PRO E 44 20.11 3.73 16.27
N LYS E 45 21.14 2.90 16.16
CA LYS E 45 21.06 1.62 15.46
C LYS E 45 21.55 0.51 16.38
N VAL E 46 20.96 -0.67 16.24
CA VAL E 46 21.28 -1.79 17.10
C VAL E 46 22.58 -2.43 16.65
N LEU E 47 23.38 -2.87 17.62
CA LEU E 47 24.55 -3.69 17.33
C LEU E 47 24.45 -5.07 17.96
N ILE E 48 24.19 -5.14 19.26
CA ILE E 48 24.08 -6.39 19.99
C ILE E 48 22.73 -6.42 20.69
N TYR E 49 22.04 -7.54 20.60
CA TYR E 49 20.83 -7.77 21.38
C TYR E 49 20.92 -9.13 22.06
N GLY E 50 20.33 -9.24 23.23
CA GLY E 50 20.49 -10.46 23.99
C GLY E 50 21.87 -10.63 24.57
N ALA E 51 22.67 -9.56 24.58
CA ALA E 51 24.00 -9.49 25.16
C ALA E 51 25.05 -10.23 24.34
N SER E 52 24.64 -11.13 23.45
CA SER E 52 25.61 -11.91 22.71
C SER E 52 25.31 -12.08 21.23
N SER E 53 24.21 -11.57 20.71
CA SER E 53 23.83 -11.77 19.32
C SER E 53 24.12 -10.52 18.50
N LEU E 54 24.47 -10.72 17.24
CA LEU E 54 24.73 -9.62 16.32
C LEU E 54 23.50 -9.40 15.44
N HIS E 55 23.13 -8.15 15.25
CA HIS E 55 22.06 -7.84 14.31
C HIS E 55 22.52 -8.13 12.89
N SER E 56 21.55 -8.42 12.02
CA SER E 56 21.86 -8.67 10.62
C SER E 56 22.50 -7.44 10.00
N GLY E 57 23.60 -7.65 9.27
CA GLY E 57 24.33 -6.56 8.64
C GLY E 57 25.40 -5.94 9.50
N VAL E 58 25.48 -6.30 10.77
CA VAL E 58 26.53 -5.76 11.64
C VAL E 58 27.87 -6.36 11.25
N PRO E 59 28.91 -5.55 11.08
CA PRO E 59 30.25 -6.13 10.84
C PRO E 59 30.68 -7.01 12.00
N SER E 60 31.40 -8.08 11.68
CA SER E 60 31.78 -9.06 12.68
C SER E 60 32.81 -8.55 13.67
N ARG E 61 33.41 -7.38 13.43
CA ARG E 61 34.38 -6.85 14.37
C ARG E 61 33.77 -6.51 15.73
N PHE E 62 32.45 -6.25 15.77
CA PHE E 62 31.79 -6.00 17.04
C PHE E 62 31.47 -7.32 17.73
N SER E 63 31.67 -7.35 19.05
CA SER E 63 31.43 -8.55 19.83
C SER E 63 30.97 -8.17 21.22
N GLY E 64 29.95 -8.87 21.72
CA GLY E 64 29.43 -8.62 23.04
C GLY E 64 29.48 -9.89 23.87
N SER E 65 29.59 -9.72 25.18
CA SER E 65 29.69 -10.85 26.09
C SER E 65 29.23 -10.41 27.47
N GLY E 66 29.12 -11.39 28.37
CA GLY E 66 28.74 -11.13 29.74
C GLY E 66 27.30 -11.52 30.02
N SER E 67 26.99 -11.62 31.31
CA SER E 67 25.64 -11.93 31.75
C SER E 67 25.51 -11.53 33.22
N GLY E 68 24.27 -11.43 33.68
CA GLY E 68 24.02 -11.11 35.06
C GLY E 68 24.06 -9.62 35.34
N THR E 69 25.19 -9.13 35.87
CA THR E 69 25.37 -7.71 36.15
C THR E 69 26.57 -7.11 35.46
N ASP E 70 27.43 -7.91 34.82
CA ASP E 70 28.63 -7.42 34.17
C ASP E 70 28.58 -7.77 32.70
N PHE E 71 28.77 -6.77 31.85
CA PHE E 71 28.70 -6.95 30.40
C PHE E 71 29.86 -6.20 29.75
N THR E 72 30.09 -6.49 28.48
CA THR E 72 31.21 -5.87 27.77
C THR E 72 30.94 -5.87 26.29
N LEU E 73 31.09 -4.70 25.66
CA LEU E 73 31.10 -4.58 24.22
C LEU E 73 32.55 -4.36 23.79
N THR E 74 32.99 -5.15 22.82
CA THR E 74 34.38 -5.10 22.37
C THR E 74 34.43 -4.93 20.86
N ILE E 75 35.25 -3.99 20.42
CA ILE E 75 35.48 -3.75 18.99
C ILE E 75 36.90 -4.21 18.69
N SER E 76 37.03 -5.24 17.86
CA SER E 76 38.33 -5.83 17.59
C SER E 76 39.24 -4.88 16.82
N ARG E 77 38.74 -4.34 15.71
CA ARG E 77 39.54 -3.48 14.83
C ARG E 77 38.74 -2.23 14.53
N LEU E 78 39.16 -1.10 15.08
CA LEU E 78 38.43 0.14 14.89
C LEU E 78 38.50 0.58 13.43
N GLN E 79 37.45 1.24 12.99
CA GLN E 79 37.31 1.70 11.63
C GLN E 79 36.92 3.18 11.63
N PRO E 80 37.21 3.90 10.55
CA PRO E 80 36.86 5.33 10.51
C PRO E 80 35.38 5.60 10.65
N GLU E 81 34.53 4.63 10.36
CA GLU E 81 33.09 4.76 10.52
C GLU E 81 32.58 4.18 11.83
N ASP E 82 33.48 3.80 12.73
CA ASP E 82 33.09 3.26 14.03
C ASP E 82 33.19 4.28 15.15
N PHE E 83 33.52 5.53 14.84
CA PHE E 83 33.58 6.58 15.84
C PHE E 83 32.18 7.15 16.03
N ALA E 84 31.57 6.82 17.15
CA ALA E 84 30.20 7.23 17.44
C ALA E 84 29.97 7.11 18.94
N THR E 85 28.71 7.20 19.35
CA THR E 85 28.33 7.03 20.75
C THR E 85 27.62 5.69 20.91
N TYR E 86 28.03 4.92 21.91
CA TYR E 86 27.49 3.59 22.15
C TYR E 86 26.73 3.59 23.46
N TYR E 87 25.46 3.20 23.40
CA TYR E 87 24.59 3.10 24.56
C TYR E 87 24.30 1.64 24.84
N CYS E 88 24.27 1.28 26.12
CA CYS E 88 23.84 -0.03 26.56
C CYS E 88 22.49 0.12 27.24
N GLN E 89 21.55 -0.73 26.87
CA GLN E 89 20.20 -0.69 27.41
C GLN E 89 19.86 -2.04 27.99
N GLN E 90 19.22 -2.04 29.16
CA GLN E 90 18.70 -3.26 29.74
C GLN E 90 17.22 -3.37 29.38
N SER E 91 16.82 -4.53 28.90
CA SER E 91 15.43 -4.79 28.54
C SER E 91 14.73 -5.61 29.62
N HIS E 92 15.35 -5.77 30.78
CA HIS E 92 14.84 -6.70 31.78
C HIS E 92 13.44 -6.33 32.22
N SER E 93 13.22 -5.07 32.57
CA SER E 93 11.91 -4.62 33.01
C SER E 93 11.82 -3.12 32.87
N SER E 94 10.60 -2.61 32.93
CA SER E 94 10.42 -1.17 32.84
C SER E 94 11.02 -0.50 34.07
N PRO E 95 11.69 0.64 33.90
CA PRO E 95 11.96 1.31 32.64
C PRO E 95 13.20 0.74 31.98
N ARG E 96 13.16 0.47 30.68
CA ARG E 96 14.37 0.03 30.01
C ARG E 96 15.39 1.16 30.06
N SER E 97 16.34 1.06 30.97
CA SER E 97 17.22 2.17 31.31
C SER E 97 18.45 2.12 30.43
N PHE E 98 18.65 3.18 29.65
CA PHE E 98 19.86 3.30 28.87
C PHE E 98 21.01 3.73 29.75
N GLY E 99 22.21 3.32 29.37
CA GLY E 99 23.40 3.78 30.08
C GLY E 99 23.71 5.22 29.75
N GLY E 100 24.71 5.76 30.44
CA GLY E 100 25.13 7.12 30.19
C GLY E 100 25.67 7.35 28.80
N GLY E 101 26.10 6.29 28.12
CA GLY E 101 26.61 6.43 26.77
C GLY E 101 28.08 6.78 26.73
N THR E 102 28.82 6.08 25.87
CA THR E 102 30.25 6.29 25.73
C THR E 102 30.54 6.82 24.33
N LYS E 103 31.31 7.90 24.26
CA LYS E 103 31.67 8.52 22.98
C LYS E 103 33.07 8.10 22.61
N VAL E 104 33.22 7.48 21.45
CA VAL E 104 34.51 7.03 20.94
C VAL E 104 35.02 8.07 19.95
N GLU E 105 36.16 8.68 20.26
CA GLU E 105 36.71 9.75 19.47
C GLU E 105 38.04 9.32 18.86
N ILE E 106 38.46 10.08 17.85
CA ILE E 106 39.66 9.75 17.09
C ILE E 106 40.86 10.20 17.92
N LYS E 107 41.60 9.22 18.45
CA LYS E 107 42.83 9.53 19.16
C LYS E 107 43.87 10.10 18.21
N ARG E 108 44.58 11.12 18.66
CA ARG E 108 45.63 11.73 17.85
C ARG E 108 46.63 12.42 18.77
N THR E 109 47.62 13.08 18.17
CA THR E 109 48.65 13.78 18.90
C THR E 109 48.09 15.07 19.51
N VAL E 110 48.75 15.51 20.59
CA VAL E 110 48.35 16.75 21.24
C VAL E 110 48.60 17.93 20.34
N ALA E 111 47.65 18.86 20.30
CA ALA E 111 47.75 20.04 19.47
C ALA E 111 47.32 21.26 20.29
N ALA E 112 48.07 22.34 20.16
CA ALA E 112 47.76 23.54 20.91
C ALA E 112 46.74 24.42 20.18
N PRO E 113 45.92 25.16 20.91
CA PRO E 113 44.95 26.03 20.26
C PRO E 113 45.56 27.36 19.85
N SER E 114 44.90 28.01 18.90
CA SER E 114 45.18 29.39 18.56
C SER E 114 44.08 30.27 19.15
N VAL E 115 44.45 31.43 19.66
CA VAL E 115 43.54 32.28 20.42
C VAL E 115 43.27 33.56 19.64
N PHE E 116 42.00 33.95 19.59
CA PHE E 116 41.59 35.20 18.98
C PHE E 116 40.51 35.84 19.83
N ILE E 117 40.40 37.16 19.74
CA ILE E 117 39.41 37.94 20.46
C ILE E 117 38.84 38.99 19.53
N PHE E 118 37.58 39.37 19.75
CA PHE E 118 36.92 40.33 18.89
C PHE E 118 36.19 41.38 19.72
N PRO E 119 36.53 42.66 19.60
CA PRO E 119 35.74 43.71 20.24
C PRO E 119 34.38 43.83 19.57
N PRO E 120 33.35 44.26 20.30
CA PRO E 120 32.04 44.43 19.68
C PRO E 120 32.06 45.56 18.66
N SER E 121 31.23 45.42 17.64
CA SER E 121 31.16 46.43 16.58
C SER E 121 30.44 47.67 17.07
N ASP E 122 30.69 48.78 16.37
CA ASP E 122 29.97 50.02 16.68
C ASP E 122 28.49 49.88 16.41
N GLU E 123 28.12 49.10 15.38
CA GLU E 123 26.71 48.91 15.06
C GLU E 123 25.96 48.26 16.22
N GLN E 124 26.58 47.26 16.85
CA GLN E 124 25.96 46.62 18.00
C GLN E 124 25.92 47.58 19.19
N LEU E 125 26.96 48.39 19.34
CA LEU E 125 26.98 49.36 20.44
C LEU E 125 25.85 50.35 20.31
N LYS E 126 25.48 50.71 19.07
CA LYS E 126 24.33 51.58 18.88
C LYS E 126 23.05 50.95 19.42
N SER E 127 22.94 49.62 19.33
CA SER E 127 21.78 48.93 19.85
C SER E 127 21.76 48.87 21.38
N GLY E 128 22.86 49.21 22.04
CA GLY E 128 22.92 49.22 23.49
C GLY E 128 23.46 47.97 24.12
N THR E 129 24.01 47.04 23.34
CA THR E 129 24.54 45.79 23.87
C THR E 129 25.92 45.54 23.28
N ALA E 130 26.78 44.90 24.05
CA ALA E 130 28.15 44.61 23.66
C ALA E 130 28.44 43.14 23.91
N SER E 131 28.95 42.45 22.88
CA SER E 131 29.32 41.05 22.97
C SER E 131 30.79 40.89 22.62
N VAL E 132 31.55 40.23 23.50
CA VAL E 132 32.97 39.98 23.29
C VAL E 132 33.16 38.49 23.04
N VAL E 133 33.87 38.16 21.97
CA VAL E 133 34.03 36.78 21.51
C VAL E 133 35.50 36.38 21.65
N CYS E 134 35.73 35.23 22.27
CA CYS E 134 37.06 34.64 22.39
C CYS E 134 37.05 33.32 21.63
N LEU E 135 38.05 33.12 20.77
CA LEU E 135 38.07 32.01 19.84
C LEU E 135 39.26 31.10 20.14
N LEU E 136 38.99 29.80 20.21
CA LEU E 136 40.01 28.76 20.35
C LEU E 136 39.90 27.85 19.13
N ASN E 137 41.01 27.66 18.42
CA ASN E 137 40.99 26.98 17.13
C ASN E 137 41.97 25.81 17.11
N ASN E 138 41.50 24.66 16.63
CA ASN E 138 42.36 23.55 16.26
C ASN E 138 43.25 23.10 17.41
N PHE E 139 42.64 22.60 18.48
CA PHE E 139 43.36 22.07 19.61
C PHE E 139 42.90 20.66 19.89
N TYR E 140 43.75 19.91 20.59
CA TYR E 140 43.44 18.55 21.00
C TYR E 140 44.33 18.22 22.18
N PRO E 141 43.81 17.58 23.23
CA PRO E 141 42.46 17.03 23.39
C PRO E 141 41.39 18.08 23.70
N ARG E 142 40.17 17.61 23.98
CA ARG E 142 39.03 18.51 24.11
C ARG E 142 39.06 19.31 25.39
N GLU E 143 39.61 18.74 26.47
CA GLU E 143 39.60 19.41 27.75
C GLU E 143 40.38 20.72 27.67
N ALA E 144 39.70 21.83 27.96
CA ALA E 144 40.33 23.13 27.92
C ALA E 144 39.60 24.04 28.91
N LYS E 145 40.29 25.09 29.35
CA LYS E 145 39.77 26.01 30.36
C LYS E 145 39.88 27.44 29.82
N VAL E 146 38.78 28.18 29.93
CA VAL E 146 38.71 29.57 29.48
C VAL E 146 38.24 30.43 30.64
N GLN E 147 38.93 31.55 30.87
CA GLN E 147 38.57 32.49 31.92
C GLN E 147 38.47 33.88 31.34
N TRP E 148 37.43 34.61 31.76
CA TRP E 148 37.21 35.99 31.33
C TRP E 148 37.58 36.96 32.43
N LYS E 149 38.25 38.04 32.06
CA LYS E 149 38.63 39.09 33.01
C LYS E 149 38.29 40.45 32.41
N VAL E 150 37.56 41.26 33.17
CA VAL E 150 37.21 42.63 32.78
C VAL E 150 37.92 43.57 33.75
N ASP E 151 38.78 44.42 33.21
CA ASP E 151 39.63 45.28 34.04
C ASP E 151 40.37 44.46 35.09
N ASN E 152 40.91 43.31 34.66
CA ASN E 152 41.64 42.34 35.47
C ASN E 152 40.75 41.67 36.52
N ALA E 153 39.44 41.85 36.47
CA ALA E 153 38.53 41.19 37.41
C ALA E 153 37.93 39.95 36.76
N LEU E 154 38.07 38.80 37.42
CA LEU E 154 37.57 37.55 36.89
C LEU E 154 36.05 37.58 36.76
N GLN E 155 35.54 37.12 35.62
CA GLN E 155 34.11 37.11 35.36
C GLN E 155 33.52 35.72 35.59
N SER E 156 32.27 35.69 36.03
CA SER E 156 31.58 34.44 36.26
C SER E 156 30.08 34.65 36.05
N GLY E 157 29.45 33.69 35.38
CA GLY E 157 28.03 33.74 35.13
C GLY E 157 27.59 34.63 33.98
N ASN E 158 28.54 35.20 33.24
CA ASN E 158 28.22 36.10 32.13
C ASN E 158 28.86 35.66 30.83
N SER E 159 29.28 34.39 30.73
CA SER E 159 29.95 33.89 29.55
C SER E 159 29.46 32.48 29.24
N GLN E 160 29.49 32.13 27.96
CA GLN E 160 29.08 30.81 27.51
C GLN E 160 30.11 30.26 26.55
N GLU E 161 30.22 28.94 26.52
CA GLU E 161 31.18 28.26 25.67
C GLU E 161 30.45 27.37 24.67
N SER E 162 31.08 27.18 23.51
CA SER E 162 30.58 26.28 22.48
C SER E 162 31.77 25.65 21.78
N VAL E 163 31.72 24.33 21.64
CA VAL E 163 32.83 23.56 21.10
C VAL E 163 32.35 22.71 19.92
N THR E 164 33.14 22.70 18.86
CA THR E 164 32.83 21.89 17.70
C THR E 164 33.25 20.43 17.93
N GLU E 165 32.84 19.57 17.00
CA GLU E 165 33.28 18.18 17.01
C GLU E 165 34.69 18.08 16.44
N GLN E 166 35.23 16.87 16.46
CA GLN E 166 36.55 16.63 15.87
C GLN E 166 36.54 17.01 14.40
N ASP E 167 37.57 17.73 13.98
CA ASP E 167 37.67 18.15 12.59
C ASP E 167 37.90 16.95 11.69
N SER E 168 37.35 17.00 10.47
CA SER E 168 37.47 15.88 9.56
C SER E 168 38.87 15.75 8.97
N LYS E 169 39.72 16.76 9.10
CA LYS E 169 41.06 16.73 8.51
C LYS E 169 42.15 16.43 9.53
N ASP E 170 42.17 17.12 10.67
CA ASP E 170 43.22 16.91 11.65
C ASP E 170 42.69 16.48 13.01
N SER E 171 41.40 16.19 13.12
CA SER E 171 40.77 15.64 14.31
C SER E 171 40.90 16.54 15.52
N THR E 172 40.91 17.85 15.33
CA THR E 172 41.01 18.80 16.42
C THR E 172 39.66 19.41 16.73
N TYR E 173 39.58 20.07 17.88
CA TYR E 173 38.39 20.79 18.30
C TYR E 173 38.62 22.29 18.16
N SER E 174 37.52 23.02 18.05
CA SER E 174 37.53 24.48 18.09
C SER E 174 36.47 24.95 19.06
N LEU E 175 36.83 25.96 19.85
CA LEU E 175 35.97 26.42 20.92
C LEU E 175 35.83 27.92 20.84
N SER E 176 34.63 28.42 21.17
CA SER E 176 34.37 29.84 21.18
C SER E 176 33.66 30.21 22.48
N SER E 177 34.11 31.31 23.09
CA SER E 177 33.53 31.83 24.31
C SER E 177 33.05 33.25 24.06
N THR E 178 31.86 33.57 24.56
CA THR E 178 31.23 34.86 24.33
C THR E 178 30.96 35.55 25.66
N LEU E 179 31.40 36.79 25.78
CA LEU E 179 31.11 37.62 26.94
C LEU E 179 30.09 38.68 26.54
N THR E 180 29.00 38.79 27.30
CA THR E 180 27.91 39.69 27.00
C THR E 180 27.78 40.74 28.09
N LEU E 181 27.80 42.01 27.70
CA LEU E 181 27.60 43.12 28.63
C LEU E 181 26.76 44.20 27.96
N SER E 182 26.03 44.94 28.79
CA SER E 182 25.28 46.09 28.30
C SER E 182 26.23 47.21 27.90
N LYS E 183 25.74 48.12 27.07
CA LYS E 183 26.57 49.22 26.60
C LYS E 183 27.03 50.10 27.75
N ALA E 184 26.14 50.35 28.72
CA ALA E 184 26.53 51.13 29.88
C ALA E 184 27.64 50.44 30.67
N ASP E 185 27.48 49.13 30.92
CA ASP E 185 28.54 48.37 31.57
C ASP E 185 29.78 48.31 30.69
N TYR E 186 29.60 48.16 29.38
CA TYR E 186 30.73 48.10 28.47
C TYR E 186 31.54 49.40 28.50
N GLU E 187 30.86 50.54 28.51
CA GLU E 187 31.54 51.83 28.55
C GLU E 187 32.05 52.17 29.95
N LYS E 188 31.69 51.39 30.96
CA LYS E 188 32.20 51.56 32.31
C LYS E 188 33.50 50.81 32.53
N HIS E 189 34.02 50.15 31.50
CA HIS E 189 35.26 49.41 31.59
C HIS E 189 36.05 49.61 30.31
N LYS E 190 37.36 49.36 30.39
CA LYS E 190 38.27 49.59 29.28
C LYS E 190 38.98 48.33 28.81
N VAL E 191 39.45 47.50 29.72
CA VAL E 191 40.28 46.34 29.39
C VAL E 191 39.44 45.08 29.53
N TYR E 192 39.39 44.28 28.46
CA TYR E 192 38.74 42.97 28.46
C TYR E 192 39.74 41.94 28.00
N ALA E 193 39.89 40.87 28.79
CA ALA E 193 40.90 39.85 28.51
C ALA E 193 40.26 38.48 28.58
N CYS E 194 40.78 37.56 27.78
CA CYS E 194 40.35 36.16 27.74
C CYS E 194 41.57 35.29 27.98
N GLU E 195 41.47 34.36 28.93
CA GLU E 195 42.58 33.48 29.29
C GLU E 195 42.25 32.05 28.86
N VAL E 196 43.23 31.38 28.26
CA VAL E 196 43.06 30.03 27.72
C VAL E 196 44.04 29.09 28.43
N THR E 197 43.52 27.98 28.94
CA THR E 197 44.35 26.92 29.51
C THR E 197 44.09 25.61 28.77
N HIS E 198 45.16 24.96 28.33
CA HIS E 198 45.04 23.69 27.63
C HIS E 198 46.27 22.85 27.91
N GLN E 199 46.13 21.54 27.78
CA GLN E 199 47.23 20.62 27.98
C GLN E 199 48.36 20.89 26.99
N GLY E 200 48.02 21.16 25.73
CA GLY E 200 49.04 21.43 24.74
C GLY E 200 49.70 22.78 24.87
N LEU E 201 49.20 23.62 25.78
CA LEU E 201 49.79 24.93 26.05
C LEU E 201 50.66 24.84 27.29
N SER E 202 51.92 25.25 27.15
CA SER E 202 52.82 25.26 28.29
C SER E 202 52.37 26.26 29.36
N SER E 203 51.90 27.43 28.94
CA SER E 203 51.45 28.47 29.85
C SER E 203 50.13 29.02 29.34
N PRO E 204 49.26 29.50 30.23
CA PRO E 204 48.02 30.13 29.77
C PRO E 204 48.29 31.31 28.85
N VAL E 205 47.46 31.43 27.82
CA VAL E 205 47.60 32.48 26.82
C VAL E 205 46.43 33.45 26.99
N THR E 206 46.73 34.74 26.95
CA THR E 206 45.72 35.77 27.15
C THR E 206 45.71 36.73 25.96
N LYS E 207 44.53 37.02 25.44
CA LYS E 207 44.31 38.06 24.45
C LYS E 207 43.42 39.13 25.05
N SER E 208 43.76 40.38 24.80
CA SER E 208 43.02 41.50 25.39
C SER E 208 42.96 42.65 24.39
N PHE E 209 42.06 43.58 24.67
CA PHE E 209 41.91 44.80 23.88
C PHE E 209 41.39 45.90 24.78
N ASN E 210 41.49 47.13 24.32
CA ASN E 210 41.02 48.30 25.04
C ASN E 210 39.87 48.95 24.29
N ARG E 211 38.83 49.32 25.02
CA ARG E 211 37.63 49.90 24.43
C ARG E 211 37.93 51.20 23.69
N VAL F 2 -6.08 -52.77 19.55
CA VAL F 2 -6.34 -52.34 18.17
C VAL F 2 -5.16 -52.68 17.30
N GLN F 3 -5.36 -53.57 16.32
CA GLN F 3 -4.29 -53.98 15.44
C GLN F 3 -4.80 -54.02 14.00
N LEU F 4 -3.96 -53.54 13.09
CA LEU F 4 -4.28 -53.51 11.67
C LEU F 4 -3.29 -54.40 10.94
N VAL F 5 -3.82 -55.29 10.09
CA VAL F 5 -3.01 -56.20 9.30
C VAL F 5 -3.24 -55.87 7.83
N GLU F 6 -2.16 -55.55 7.12
CA GLU F 6 -2.23 -55.10 5.74
C GLU F 6 -1.48 -56.10 4.85
N SER F 7 -2.14 -56.52 3.77
CA SER F 7 -1.55 -57.52 2.88
C SER F 7 -2.22 -57.43 1.52
N GLY F 8 -1.55 -58.02 0.52
CA GLY F 8 -2.06 -58.07 -0.84
C GLY F 8 -1.21 -57.35 -1.87
N GLY F 9 -0.08 -56.74 -1.48
CA GLY F 9 0.73 -56.02 -2.41
C GLY F 9 1.56 -56.92 -3.30
N GLY F 10 2.24 -56.29 -4.26
CA GLY F 10 3.09 -57.05 -5.16
C GLY F 10 3.55 -56.20 -6.33
N LEU F 11 3.98 -56.89 -7.38
CA LEU F 11 4.45 -56.27 -8.62
C LEU F 11 3.44 -56.54 -9.72
N VAL F 12 3.18 -55.53 -10.55
CA VAL F 12 2.20 -55.64 -11.62
C VAL F 12 2.60 -54.72 -12.75
N GLN F 13 2.23 -55.12 -13.97
CA GLN F 13 2.47 -54.31 -15.16
C GLN F 13 1.46 -53.18 -15.25
N PRO F 14 1.80 -52.12 -15.99
CA PRO F 14 0.85 -51.01 -16.16
C PRO F 14 -0.47 -51.48 -16.79
N GLY F 15 -1.55 -50.87 -16.35
CA GLY F 15 -2.88 -51.26 -16.80
C GLY F 15 -3.47 -52.46 -16.10
N GLY F 16 -2.76 -53.04 -15.14
CA GLY F 16 -3.25 -54.20 -14.44
C GLY F 16 -4.16 -53.84 -13.28
N SER F 17 -4.44 -54.85 -12.46
CA SER F 17 -5.29 -54.69 -11.29
C SER F 17 -4.65 -55.38 -10.09
N LEU F 18 -5.02 -54.93 -8.90
CA LEU F 18 -4.50 -55.49 -7.67
C LEU F 18 -5.55 -55.32 -6.58
N ARG F 19 -5.44 -56.14 -5.54
CA ARG F 19 -6.38 -56.09 -4.42
C ARG F 19 -5.59 -56.09 -3.12
N LEU F 20 -5.83 -55.07 -2.29
CA LEU F 20 -5.18 -54.94 -1.00
C LEU F 20 -6.18 -55.25 0.10
N SER F 21 -5.69 -55.89 1.17
CA SER F 21 -6.54 -56.31 2.28
C SER F 21 -6.05 -55.66 3.56
N CYS F 22 -6.98 -55.10 4.33
CA CYS F 22 -6.67 -54.49 5.62
C CYS F 22 -7.70 -54.97 6.63
N ALA F 23 -7.24 -55.68 7.65
CA ALA F 23 -8.11 -56.26 8.66
C ALA F 23 -7.94 -55.50 9.97
N ALA F 24 -9.07 -55.08 10.54
CA ALA F 24 -9.09 -54.38 11.81
C ALA F 24 -9.59 -55.34 12.88
N SER F 25 -8.79 -55.55 13.92
CA SER F 25 -9.13 -56.52 14.95
C SER F 25 -9.76 -55.88 16.18
N GLY F 26 -9.00 -55.06 16.89
CA GLY F 26 -9.42 -54.60 18.20
C GLY F 26 -10.37 -53.42 18.18
N PHE F 27 -11.46 -53.51 17.44
CA PHE F 27 -12.49 -52.48 17.43
C PHE F 27 -13.75 -53.03 18.06
N THR F 28 -14.20 -52.39 19.14
CA THR F 28 -15.38 -52.86 19.86
C THR F 28 -16.62 -52.74 19.00
N ASN F 29 -16.79 -51.61 18.32
CA ASN F 29 -17.98 -51.37 17.51
C ASN F 29 -17.57 -50.95 16.11
N ASP F 30 -18.54 -50.54 15.30
CA ASP F 30 -18.26 -50.16 13.93
C ASP F 30 -17.95 -48.67 13.76
N PHE F 31 -17.92 -47.91 14.86
CA PHE F 31 -17.74 -46.46 14.75
C PHE F 31 -16.25 -46.17 14.56
N TYR F 32 -15.81 -46.34 13.32
CA TYR F 32 -14.44 -46.00 12.93
C TYR F 32 -14.39 -45.87 11.43
N SER F 33 -13.26 -45.40 10.93
CA SER F 33 -13.05 -45.18 9.51
C SER F 33 -11.74 -45.83 9.07
N ILE F 34 -11.66 -46.14 7.79
CA ILE F 34 -10.47 -46.75 7.21
C ILE F 34 -10.00 -45.87 6.06
N ALA F 35 -8.69 -45.67 5.97
CA ALA F 35 -8.10 -44.86 4.93
C ALA F 35 -6.89 -45.57 4.34
N TRP F 36 -6.51 -45.16 3.13
CA TRP F 36 -5.33 -45.71 2.47
C TRP F 36 -4.40 -44.56 2.10
N PHE F 37 -3.14 -44.71 2.46
CA PHE F 37 -2.11 -43.71 2.15
C PHE F 37 -0.98 -44.42 1.43
N ARG F 38 -0.50 -43.82 0.35
CA ARG F 38 0.64 -44.32 -0.39
C ARG F 38 1.78 -43.33 -0.29
N GLN F 39 2.98 -43.83 -0.05
CA GLN F 39 4.17 -43.00 0.11
C GLN F 39 5.09 -43.22 -1.07
N ALA F 40 5.02 -42.32 -2.05
CA ALA F 40 5.96 -42.37 -3.15
C ALA F 40 7.37 -42.05 -2.64
N PRO F 41 8.39 -42.65 -3.26
CA PRO F 41 9.77 -42.34 -2.86
C PRO F 41 10.06 -40.86 -2.97
N GLY F 42 10.50 -40.27 -1.87
CA GLY F 42 10.75 -38.84 -1.82
C GLY F 42 9.51 -38.00 -1.59
N LYS F 43 8.37 -38.62 -1.34
CA LYS F 43 7.12 -37.91 -1.12
C LYS F 43 6.53 -38.28 0.23
N GLU F 44 5.80 -37.34 0.81
CA GLU F 44 5.06 -37.63 2.03
C GLU F 44 3.88 -38.54 1.72
N ARG F 45 3.32 -39.15 2.75
CA ARG F 45 2.14 -39.98 2.58
C ARG F 45 0.98 -39.12 2.09
N GLU F 46 0.25 -39.62 1.11
CA GLU F 46 -0.90 -38.93 0.57
C GLU F 46 -2.08 -39.89 0.56
N GLY F 47 -3.20 -39.45 1.13
CA GLY F 47 -4.38 -40.29 1.13
C GLY F 47 -4.91 -40.49 -0.28
N VAL F 48 -5.48 -41.67 -0.53
CA VAL F 48 -6.11 -41.95 -1.81
C VAL F 48 -7.55 -42.41 -1.69
N SER F 49 -7.97 -42.97 -0.56
CA SER F 49 -9.32 -43.50 -0.42
C SER F 49 -9.71 -43.47 1.05
N TRP F 50 -11.01 -43.34 1.29
CA TRP F 50 -11.54 -43.30 2.64
C TRP F 50 -12.85 -44.06 2.67
N LEU F 51 -13.11 -44.77 3.77
CA LEU F 51 -14.35 -45.49 3.96
C LEU F 51 -14.79 -45.36 5.40
N SER F 52 -15.96 -44.78 5.62
CA SER F 52 -16.56 -44.71 6.95
C SER F 52 -17.36 -46.00 7.16
N VAL F 53 -16.87 -46.84 8.07
CA VAL F 53 -17.48 -48.15 8.27
C VAL F 53 -18.91 -48.01 8.75
N SER F 54 -19.16 -47.09 9.68
CA SER F 54 -20.50 -46.93 10.24
C SER F 54 -21.51 -46.48 9.18
N ASP F 55 -21.05 -45.90 8.08
CA ASP F 55 -21.93 -45.47 7.01
C ASP F 55 -21.68 -46.16 5.68
N ASN F 56 -20.55 -46.85 5.53
CA ASN F 56 -20.20 -47.51 4.26
C ASN F 56 -20.24 -46.52 3.11
N THR F 57 -19.60 -45.38 3.30
CA THR F 57 -19.61 -44.29 2.33
C THR F 57 -18.21 -44.08 1.79
N PRO F 58 -17.86 -44.67 0.65
CA PRO F 58 -16.51 -44.47 0.11
C PRO F 58 -16.30 -43.05 -0.39
N THR F 59 -15.03 -42.66 -0.42
CA THR F 59 -14.61 -41.39 -0.98
C THR F 59 -13.24 -41.58 -1.62
N TYR F 60 -13.00 -40.87 -2.70
CA TYR F 60 -11.75 -40.98 -3.42
C TYR F 60 -11.24 -39.61 -3.81
N VAL F 61 -9.93 -39.50 -3.95
CA VAL F 61 -9.36 -38.29 -4.54
C VAL F 61 -9.64 -38.30 -6.03
N ASP F 62 -9.50 -37.12 -6.65
CA ASP F 62 -9.85 -36.99 -8.06
C ASP F 62 -8.96 -37.85 -8.95
N SER F 63 -7.68 -38.00 -8.60
CA SER F 63 -6.73 -38.67 -9.47
C SER F 63 -7.05 -40.14 -9.67
N VAL F 64 -7.74 -40.77 -8.73
CA VAL F 64 -8.04 -42.19 -8.83
C VAL F 64 -9.55 -42.39 -8.70
N LYS F 65 -10.32 -41.38 -9.09
CA LYS F 65 -11.75 -41.37 -8.79
C LYS F 65 -12.45 -42.58 -9.40
N ASP F 66 -12.03 -43.01 -10.58
CA ASP F 66 -12.67 -44.15 -11.23
C ASP F 66 -11.80 -45.40 -11.28
N ARG F 67 -10.52 -45.28 -10.99
CA ARG F 67 -9.61 -46.43 -11.09
C ARG F 67 -9.57 -47.27 -9.81
N PHE F 68 -9.89 -46.69 -8.67
CA PHE F 68 -9.85 -47.38 -7.39
C PHE F 68 -11.26 -47.59 -6.87
N THR F 69 -11.49 -48.73 -6.23
CA THR F 69 -12.75 -49.03 -5.57
C THR F 69 -12.46 -49.68 -4.23
N ILE F 70 -13.09 -49.16 -3.18
CA ILE F 70 -12.86 -49.62 -1.81
C ILE F 70 -14.18 -50.13 -1.25
N SER F 71 -14.13 -51.28 -0.59
CA SER F 71 -15.31 -51.87 0.01
C SER F 71 -14.91 -52.67 1.23
N ARG F 72 -15.88 -52.87 2.11
CA ARG F 72 -15.68 -53.61 3.36
C ARG F 72 -16.53 -54.86 3.36
N HIS F 73 -15.94 -55.98 3.73
CA HIS F 73 -16.65 -57.23 3.89
C HIS F 73 -16.88 -57.45 5.37
N ASN F 74 -18.15 -57.40 5.79
CA ASN F 74 -18.47 -57.42 7.22
C ASN F 74 -18.20 -58.78 7.86
N ALA F 75 -18.18 -59.86 7.07
CA ALA F 75 -18.00 -61.19 7.65
C ALA F 75 -16.64 -61.30 8.34
N ASN F 76 -15.57 -60.93 7.65
CA ASN F 76 -14.23 -60.95 8.23
C ASN F 76 -13.79 -59.60 8.78
N ASN F 77 -14.66 -58.60 8.73
CA ASN F 77 -14.34 -57.24 9.18
C ASN F 77 -13.07 -56.74 8.52
N THR F 78 -13.00 -56.93 7.20
CA THR F 78 -11.82 -56.58 6.41
C THR F 78 -12.22 -55.65 5.29
N VAL F 79 -11.40 -54.63 5.07
CA VAL F 79 -11.64 -53.63 4.03
C VAL F 79 -10.73 -53.94 2.84
N TYR F 80 -11.30 -53.95 1.64
CA TYR F 80 -10.57 -54.27 0.43
C TYR F 80 -10.51 -53.06 -0.47
N LEU F 81 -9.31 -52.75 -0.96
CA LEU F 81 -9.09 -51.64 -1.88
C LEU F 81 -8.77 -52.26 -3.24
N GLN F 82 -9.76 -52.25 -4.13
CA GLN F 82 -9.58 -52.80 -5.47
C GLN F 82 -8.99 -51.74 -6.37
N MET F 83 -7.74 -51.93 -6.77
CA MET F 83 -7.02 -51.00 -7.61
C MET F 83 -7.02 -51.51 -9.05
N ASN F 84 -7.53 -50.70 -9.97
CA ASN F 84 -7.62 -51.06 -11.37
C ASN F 84 -6.94 -49.98 -12.22
N MET F 85 -6.53 -50.38 -13.42
CA MET F 85 -5.91 -49.47 -14.38
C MET F 85 -4.69 -48.78 -13.78
N LEU F 86 -3.80 -49.58 -13.22
CA LEU F 86 -2.63 -49.03 -12.54
C LEU F 86 -1.66 -48.38 -13.52
N LYS F 87 -0.94 -47.38 -13.03
CA LYS F 87 0.02 -46.60 -13.79
C LYS F 87 1.32 -46.55 -13.01
N PRO F 88 2.44 -46.27 -13.68
CA PRO F 88 3.72 -46.15 -12.95
C PRO F 88 3.69 -45.07 -11.88
N GLU F 89 2.79 -44.11 -11.97
CA GLU F 89 2.64 -43.12 -10.91
C GLU F 89 2.15 -43.74 -9.61
N ASP F 90 1.64 -44.97 -9.65
CA ASP F 90 1.08 -45.62 -8.47
C ASP F 90 2.11 -46.45 -7.70
N THR F 91 3.36 -46.45 -8.12
CA THR F 91 4.38 -47.22 -7.42
C THR F 91 4.74 -46.52 -6.11
N ALA F 92 4.28 -47.07 -5.00
CA ALA F 92 4.54 -46.50 -3.68
C ALA F 92 4.16 -47.56 -2.64
N ILE F 93 4.61 -47.33 -1.41
CA ILE F 93 4.26 -48.20 -0.29
C ILE F 93 2.86 -47.82 0.16
N TYR F 94 1.99 -48.81 0.26
CA TYR F 94 0.60 -48.57 0.64
C TYR F 94 0.38 -48.92 2.10
N TYR F 95 -0.17 -47.97 2.84
CA TYR F 95 -0.53 -48.14 4.24
C TYR F 95 -2.05 -48.08 4.36
N CYS F 96 -2.61 -48.80 5.32
CA CYS F 96 -4.00 -48.64 5.69
C CYS F 96 -4.07 -48.20 7.14
N ALA F 97 -4.83 -47.14 7.39
CA ALA F 97 -4.93 -46.54 8.71
C ALA F 97 -6.35 -46.66 9.23
N ALA F 98 -6.55 -46.21 10.46
CA ALA F 98 -7.85 -46.24 11.08
C ALA F 98 -7.94 -45.11 12.09
N GLY F 99 -9.17 -44.80 12.49
CA GLY F 99 -9.40 -43.78 13.49
C GLY F 99 -10.78 -43.93 14.08
N ARG F 100 -10.90 -43.59 15.36
CA ARG F 100 -12.16 -43.76 16.06
C ARG F 100 -13.11 -42.61 15.77
N PHE F 101 -13.34 -42.37 14.49
CA PHE F 101 -14.29 -41.35 14.04
C PHE F 101 -14.94 -41.81 12.75
N ALA F 102 -16.11 -41.28 12.48
CA ALA F 102 -16.84 -41.57 11.24
C ALA F 102 -16.59 -40.43 10.28
N GLY F 103 -15.78 -40.68 9.25
CA GLY F 103 -15.49 -39.65 8.27
C GLY F 103 -14.20 -39.87 7.51
N ARG F 104 -13.51 -38.79 7.18
CA ARG F 104 -12.28 -38.87 6.41
C ARG F 104 -11.40 -37.69 6.77
N ASP F 105 -10.10 -37.88 6.59
CA ASP F 105 -9.14 -36.80 6.82
C ASP F 105 -7.88 -37.11 6.03
N THR F 106 -7.33 -36.09 5.39
CA THR F 106 -6.15 -36.25 4.56
C THR F 106 -4.85 -36.13 5.33
N TRP F 107 -4.90 -35.82 6.62
CA TRP F 107 -3.68 -35.70 7.41
C TRP F 107 -3.35 -37.04 8.04
N PRO F 108 -2.20 -37.64 7.73
CA PRO F 108 -1.88 -38.94 8.32
C PRO F 108 -1.83 -38.91 9.83
N SER F 109 -1.45 -37.78 10.41
CA SER F 109 -1.40 -37.63 11.87
C SER F 109 -2.78 -37.69 12.50
N SER F 110 -3.85 -37.58 11.72
CA SER F 110 -5.18 -37.71 12.29
C SER F 110 -5.50 -39.16 12.65
N TYR F 111 -4.81 -40.10 12.02
CA TYR F 111 -5.07 -41.52 12.25
C TYR F 111 -4.12 -42.06 13.31
N ASP F 112 -4.68 -42.73 14.30
CA ASP F 112 -3.89 -43.19 15.44
C ASP F 112 -3.33 -44.59 15.25
N TYR F 113 -4.00 -45.43 14.48
CA TYR F 113 -3.58 -46.81 14.30
C TYR F 113 -3.13 -46.99 12.85
N TRP F 114 -1.93 -47.52 12.68
CA TRP F 114 -1.36 -47.72 11.36
C TRP F 114 -0.95 -49.18 11.22
N GLY F 115 -1.40 -49.82 10.15
CA GLY F 115 -0.85 -51.10 9.79
C GLY F 115 0.52 -50.96 9.15
N GLN F 116 1.27 -52.05 9.16
CA GLN F 116 2.55 -52.06 8.48
C GLN F 116 2.34 -51.97 6.97
N GLY F 117 3.13 -51.12 6.33
CA GLY F 117 2.90 -50.85 4.93
C GLY F 117 3.21 -52.03 4.04
N THR F 118 2.64 -51.99 2.83
CA THR F 118 2.92 -52.97 1.80
C THR F 118 3.38 -52.25 0.54
N GLN F 119 4.29 -52.89 -0.20
CA GLN F 119 4.90 -52.29 -1.37
C GLN F 119 4.18 -52.72 -2.63
N VAL F 120 3.79 -51.75 -3.46
CA VAL F 120 3.15 -51.99 -4.74
C VAL F 120 3.94 -51.24 -5.80
N THR F 121 4.43 -51.98 -6.80
CA THR F 121 5.21 -51.39 -7.89
C THR F 121 4.51 -51.66 -9.21
N VAL F 122 4.30 -50.62 -10.00
CA VAL F 122 3.64 -50.70 -11.29
C VAL F 122 4.68 -50.36 -12.35
N SER F 123 5.16 -51.37 -13.05
CA SER F 123 6.18 -51.18 -14.08
C SER F 123 6.13 -52.36 -15.04
N SER F 124 6.72 -52.16 -16.21
CA SER F 124 6.79 -53.22 -17.23
C SER F 124 8.19 -53.81 -17.31
C1 NAG G . -20.53 -22.64 -0.67
C2 NAG G . -21.77 -23.48 -0.47
C3 NAG G . -21.75 -24.70 -1.39
C4 NAG G . -21.47 -24.30 -2.82
C5 NAG G . -20.24 -23.40 -2.90
C6 NAG G . -20.02 -22.82 -4.28
C7 NAG G . -23.01 -24.32 1.48
C8 NAG G . -22.93 -24.71 2.92
N2 NAG G . -21.87 -23.90 0.92
O3 NAG G . -23.01 -25.36 -1.33
O4 NAG G . -21.20 -25.48 -3.58
O5 NAG G . -20.42 -22.28 -2.03
O6 NAG G . -21.16 -22.07 -4.68
O7 NAG G . -24.06 -24.36 0.85
C1 NAG G . -22.11 -25.58 -4.69
C2 NAG G . -21.46 -26.51 -5.69
C3 NAG G . -22.37 -26.72 -6.89
C4 NAG G . -23.75 -27.17 -6.43
C5 NAG G . -24.29 -26.21 -5.37
C6 NAG G . -25.61 -26.66 -4.78
C7 NAG G . -19.03 -26.64 -5.99
C8 NAG G . -17.80 -25.94 -6.50
N2 NAG G . -20.18 -25.97 -6.13
O3 NAG G . -21.80 -27.70 -7.74
O4 NAG G . -24.65 -27.16 -7.53
O5 NAG G . -23.37 -26.11 -4.29
O6 NAG G . -26.03 -25.77 -3.75
O7 NAG G . -18.98 -27.75 -5.49
C1 BMA G . -24.89 -28.54 -7.93
C2 BMA G . -26.41 -28.76 -7.89
C3 BMA G . -26.71 -30.18 -8.38
C4 BMA G . -26.05 -30.45 -9.74
C5 BMA G . -24.55 -30.14 -9.64
C6 BMA G . -23.81 -30.31 -10.96
O2 BMA G . -27.07 -27.88 -8.78
O3 BMA G . -28.11 -30.40 -8.46
O4 BMA G . -26.22 -31.81 -10.08
O5 BMA G . -24.39 -28.78 -9.23
O6 BMA G . -22.41 -30.21 -10.71
C1 FUC G . -21.32 -22.12 -6.10
C2 FUC G . -22.68 -21.50 -6.42
C3 FUC G . -22.66 -20.06 -5.99
C4 FUC G . -21.58 -19.35 -6.77
C5 FUC G . -20.26 -20.01 -6.44
C6 FUC G . -19.11 -19.45 -7.25
O2 FUC G . -23.74 -22.16 -5.78
O3 FUC G . -23.90 -19.46 -6.31
O4 FUC G . -21.85 -19.52 -8.14
O5 FUC G . -20.29 -21.41 -6.73
#